data_8FQJ
#
_entry.id   8FQJ
#
_cell.length_a   118.883
_cell.length_b   179.340
_cell.length_c   233.389
_cell.angle_alpha   90.00
_cell.angle_beta   90.00
_cell.angle_gamma   90.00
#
_symmetry.space_group_name_H-M   'I 2 2 2'
#
loop_
_entity.id
_entity.type
_entity.pdbx_description
1 polymer 'Lysine-specific histone demethylase 1A'
2 polymer 'REST corepressor 1'
3 non-polymer '[(2R,3S,4R,5R)-5-(6-amino-9H-purin-9-yl)-3,4-dihydroxyoxolan-2-yl]methyl (2S,3R,4R)-2,3,4-trihydroxy-5-[(1R,3S,3aS,13R)-1-hydroxy-10,11-dimethyl-3-{4-[(5-methyl-1,3,4-thiadiazol-2-yl)carbamoyl]phenyl}-4,6-dioxo-2,3,5,6-tetrahydro-1H-benzo[g]pyrrolo[2,1-e]pteridin-8(4H)-yl]pentyl dihydrogen diphosphate'
#
loop_
_entity_poly.entity_id
_entity_poly.type
_entity_poly.pdbx_seq_one_letter_code
_entity_poly.pdbx_strand_id
1 'polypeptide(L)'
;GSSHHHHHHSSGLVPRGSHMLSGKKAAAAAAAAAAAATGTEAGPGTAGGSENGSEVAAQPAGLSGPAEVGPGAVGERTPR
KKEPPRASPPGGLAEPPGSAGPQAGPTVVPGSATPMETGIAETPEGRRTSRRKRAKVEYREMDESLANLSEDEYYSEEER
NAKAEKEKKLPPPPPQAPPEEENESEPEEPSGVEGAAFQSRLPHDRMTSQEAACFPDIISGPQQTQKVFLFIRNRTLQLW
LDNPKIQLTFEATLQQLEAPYNSDTVLVHRVHSYLERHGLINFGIYKRIKPLPTKKTGKVIIIGSGVSGLAAARQLQSFG
MDVTLLEARDRVGGRVATFRKGNYVADLGAMVVTGLGGNPMAVVSKQVNMELAKIKQKCPLYEANGQAVPKEKDEMVEQE
FNRLLEATSYLSHQLDFNVLNNKPVSLGQALEVVIQLQEKHVKDEQIEHWKKIVKTQEELKELLNKMVNLKEKIKELHQQ
YKEASEVKPPRDITAEFLVKSKHRDLTALCKEYDELAETQGKLEEKLQELEANPPSDVYLSSRDRQILDWHFANLEFANA
TPLSTLSLKHWDQDDDFEFTGSHLTVRNGYSCVPVALAEGLDIKLNTAVRQVRYTASGCEVIAVNTRSTSQTFIYKCDAV
LCTLPLGVLKQQPPAVQFVPPLPEWKTSAVQRMGFGNLNKVVLCFDRVFWDPSVNLFGHVGSTTASRGELFLFWNLYKAP
ILLALVAGEAAGIMENISDDVIVGRCLAILKGIFGSSAVPQPKETVVSRWRADPWARGSYSYVAAGSSGNDYDLMAQPIT
PGPSIPGAPQPIPRLFFAGEHTIRNYPATVHGALLSGLREAGRIADQFLGAMYTLPRQATPGVPAQQSPSM
;
A
2 'polypeptide(L)'
;GPLGSPEFRAKRKPPKGMFLSQEDVEAVSANATAATTVLRQLDMELVSVKRQIQNIKQTNSALKEKLDGGIEPYRLPEVI
QKCNARWTTEEQLLAVQAIRKYGRDFQAISDVIGNKSVVQVKNFFVNYRRRFNIDEVLQEWEAE
;
B
#
# COMPACT_ATOMS: atom_id res chain seq x y z
N PRO A 190 24.79 -2.14 -13.30
CA PRO A 190 25.32 -1.73 -14.61
C PRO A 190 26.80 -1.33 -14.56
N SER A 191 27.53 -1.45 -15.68
CA SER A 191 28.98 -1.25 -15.72
C SER A 191 29.44 -0.71 -17.08
N GLY A 192 30.61 -0.08 -17.06
CA GLY A 192 31.21 0.46 -18.26
C GLY A 192 30.95 1.93 -18.42
N VAL A 193 30.98 2.44 -19.65
CA VAL A 193 30.48 3.79 -19.84
C VAL A 193 28.98 3.81 -19.57
N GLU A 194 28.30 2.68 -19.74
CA GLU A 194 26.86 2.66 -19.57
C GLU A 194 26.46 2.78 -18.10
N GLY A 195 27.34 2.38 -17.17
CA GLY A 195 27.05 2.54 -15.77
C GLY A 195 27.22 3.96 -15.29
N ALA A 196 28.16 4.69 -15.92
CA ALA A 196 28.29 6.12 -15.65
C ALA A 196 27.01 6.87 -15.98
N ALA A 197 26.33 6.50 -17.07
CA ALA A 197 25.05 7.14 -17.40
C ALA A 197 23.99 6.79 -16.37
N PHE A 198 23.95 5.54 -15.95
CA PHE A 198 23.03 5.14 -14.90
C PHE A 198 23.35 5.88 -13.60
N GLN A 199 24.63 5.90 -13.22
CA GLN A 199 25.06 6.55 -11.98
C GLN A 199 24.84 8.05 -12.02
N SER A 200 24.58 8.60 -13.20
CA SER A 200 24.24 10.02 -13.35
C SER A 200 22.75 10.21 -13.63
N ARG A 201 21.94 9.18 -13.39
CA ARG A 201 20.50 9.25 -13.64
C ARG A 201 20.20 9.64 -15.09
N LEU A 202 20.86 8.94 -16.04
CA LEU A 202 20.76 9.25 -17.48
C LEU A 202 20.60 8.00 -18.34
N PRO A 203 19.64 7.97 -19.26
CA PRO A 203 19.59 6.87 -20.23
C PRO A 203 20.88 6.83 -21.05
N HIS A 204 21.52 5.66 -21.09
CA HIS A 204 22.83 5.61 -21.75
C HIS A 204 22.69 5.59 -23.26
N ASP A 205 21.58 5.08 -23.77
CA ASP A 205 21.29 4.88 -25.19
C ASP A 205 20.37 5.92 -25.81
N ARG A 206 20.15 7.04 -25.15
CA ARG A 206 19.15 7.95 -25.66
C ARG A 206 19.36 9.32 -25.02
N MET A 207 19.02 10.36 -25.76
CA MET A 207 19.32 11.73 -25.40
C MET A 207 18.14 12.35 -24.67
N THR A 208 18.44 13.00 -23.54
CA THR A 208 17.42 13.56 -22.66
C THR A 208 16.87 14.84 -23.25
N SER A 209 15.67 15.21 -22.81
CA SER A 209 15.08 16.48 -23.19
C SER A 209 16.05 17.66 -22.93
N GLN A 210 16.79 17.58 -21.83
CA GLN A 210 17.83 18.55 -21.54
C GLN A 210 18.82 18.68 -22.70
N GLU A 211 19.34 17.55 -23.17
CA GLU A 211 20.40 17.56 -24.17
C GLU A 211 19.88 18.00 -25.52
N ALA A 212 18.67 17.59 -25.88
CA ALA A 212 18.04 18.10 -27.08
C ALA A 212 17.99 19.62 -27.07
N ALA A 213 17.89 20.20 -25.89
CA ALA A 213 17.80 21.65 -25.82
C ALA A 213 19.13 22.30 -26.16
N CYS A 214 20.23 21.74 -25.66
CA CYS A 214 21.55 22.29 -25.93
C CYS A 214 22.18 21.75 -27.21
N PHE A 215 21.70 20.63 -27.74
CA PHE A 215 22.27 20.04 -28.94
C PHE A 215 21.17 19.72 -29.94
N PRO A 216 20.31 20.70 -30.27
CA PRO A 216 19.24 20.42 -31.22
C PRO A 216 19.74 19.95 -32.57
N ASP A 217 20.95 20.38 -32.97
CA ASP A 217 21.56 19.80 -34.16
C ASP A 217 21.72 18.29 -34.02
N ILE A 218 22.38 17.84 -32.94
CA ILE A 218 22.74 16.43 -32.81
C ILE A 218 21.50 15.55 -32.78
N ILE A 219 20.60 15.86 -31.87
CA ILE A 219 19.41 15.01 -31.69
C ILE A 219 18.51 15.11 -32.91
N SER A 220 18.70 16.07 -33.79
CA SER A 220 17.76 16.11 -34.95
C SER A 220 18.48 15.61 -36.18
N GLY A 221 19.76 15.31 -35.99
CA GLY A 221 20.68 14.84 -36.99
C GLY A 221 20.66 13.34 -37.14
N PRO A 222 21.56 12.83 -38.00
CA PRO A 222 21.62 11.38 -38.24
C PRO A 222 21.91 10.59 -36.96
N GLN A 223 21.26 9.43 -36.85
CA GLN A 223 21.38 8.60 -35.65
C GLN A 223 22.82 8.22 -35.35
N GLN A 224 23.68 8.30 -36.35
CA GLN A 224 25.08 7.91 -36.07
C GLN A 224 25.66 8.93 -35.12
N THR A 225 25.54 10.20 -35.48
CA THR A 225 26.06 11.30 -34.64
C THR A 225 25.50 11.20 -33.22
N GLN A 226 24.19 10.96 -33.08
CA GLN A 226 23.55 10.78 -31.76
C GLN A 226 24.35 9.73 -31.00
N LYS A 227 24.60 8.58 -31.61
CA LYS A 227 25.40 7.53 -30.93
C LYS A 227 26.78 8.07 -30.60
N VAL A 228 27.39 8.84 -31.49
CA VAL A 228 28.71 9.39 -31.14
C VAL A 228 28.52 10.25 -29.90
N PHE A 229 27.55 11.16 -29.96
CA PHE A 229 27.31 12.09 -28.84
C PHE A 229 27.12 11.34 -27.53
N LEU A 230 26.30 10.30 -27.54
CA LEU A 230 26.02 9.63 -26.25
C LEU A 230 27.28 9.00 -25.73
N PHE A 231 28.10 8.42 -26.60
CA PHE A 231 29.35 7.81 -26.09
C PHE A 231 30.21 8.86 -25.40
N ILE A 232 30.31 10.06 -25.95
CA ILE A 232 31.19 11.08 -25.33
C ILE A 232 30.59 11.51 -24.01
N ARG A 233 29.28 11.59 -23.92
CA ARG A 233 28.62 11.97 -22.66
C ARG A 233 28.99 10.90 -21.63
N ASN A 234 28.67 9.64 -21.91
CA ASN A 234 28.94 8.57 -20.94
C ASN A 234 30.41 8.50 -20.61
N ARG A 235 31.25 8.56 -21.62
CA ARG A 235 32.68 8.43 -21.32
C ARG A 235 33.15 9.55 -20.41
N THR A 236 32.63 10.76 -20.64
CA THR A 236 33.06 11.89 -19.83
C THR A 236 32.58 11.74 -18.40
N LEU A 237 31.30 11.41 -18.24
CA LEU A 237 30.75 11.11 -16.93
C LEU A 237 31.59 10.07 -16.22
N GLN A 238 31.90 8.99 -16.94
CA GLN A 238 32.74 7.93 -16.37
C GLN A 238 34.00 8.53 -15.78
N LEU A 239 34.75 9.29 -16.58
CA LEU A 239 36.02 9.83 -16.13
C LEU A 239 35.87 10.60 -14.82
N TRP A 240 34.86 11.46 -14.75
CA TRP A 240 34.61 12.20 -13.52
C TRP A 240 34.28 11.24 -12.37
N LEU A 241 33.43 10.26 -12.63
CA LEU A 241 32.93 9.42 -11.54
C LEU A 241 34.05 8.57 -10.96
N ASP A 242 34.98 8.12 -11.81
CA ASP A 242 36.06 7.26 -11.35
C ASP A 242 37.04 8.00 -10.47
N ASN A 243 37.03 9.32 -10.53
CA ASN A 243 37.89 10.08 -9.65
C ASN A 243 37.26 11.45 -9.43
N PRO A 244 36.40 11.59 -8.44
CA PRO A 244 35.68 12.85 -8.28
C PRO A 244 36.32 13.72 -7.23
N LYS A 245 37.59 13.45 -6.93
CA LYS A 245 38.35 14.33 -6.05
C LYS A 245 39.14 15.40 -6.80
N ILE A 246 39.25 15.30 -8.12
CA ILE A 246 39.99 16.26 -8.94
C ILE A 246 39.11 16.76 -10.08
N GLN A 247 39.30 18.01 -10.45
CA GLN A 247 38.53 18.58 -11.55
C GLN A 247 38.79 17.81 -12.84
N LEU A 248 37.74 17.61 -13.63
CA LEU A 248 37.86 16.98 -14.95
C LEU A 248 37.92 18.09 -16.00
N THR A 249 39.13 18.52 -16.31
CA THR A 249 39.35 19.51 -17.35
C THR A 249 39.12 18.94 -18.74
N PHE A 250 38.63 19.81 -19.62
CA PHE A 250 38.37 19.44 -21.01
C PHE A 250 39.59 18.81 -21.70
N GLU A 251 40.79 19.26 -21.35
CA GLU A 251 41.99 18.71 -21.97
C GLU A 251 42.30 17.32 -21.44
N ALA A 252 42.33 17.19 -20.10
CA ALA A 252 42.39 15.87 -19.48
C ALA A 252 41.36 14.92 -20.08
N THR A 253 40.21 15.48 -20.47
CA THR A 253 39.11 14.68 -20.97
C THR A 253 39.42 14.17 -22.37
N LEU A 254 39.78 15.10 -23.26
CA LEU A 254 40.04 14.75 -24.65
C LEU A 254 41.25 13.84 -24.77
N GLN A 255 42.25 14.03 -23.91
CA GLN A 255 43.40 13.13 -23.91
C GLN A 255 42.95 11.68 -23.79
N GLN A 256 42.01 11.42 -22.89
CA GLN A 256 41.61 10.03 -22.60
C GLN A 256 40.65 9.52 -23.63
N LEU A 257 39.98 10.41 -24.32
CA LEU A 257 39.05 9.95 -25.36
C LEU A 257 39.87 9.42 -26.54
N GLU A 258 39.43 8.36 -27.22
CA GLU A 258 40.22 7.87 -28.38
C GLU A 258 39.36 7.93 -29.65
N ALA A 259 40.01 7.85 -30.80
CA ALA A 259 39.34 7.96 -32.11
C ALA A 259 38.36 6.80 -32.33
N PRO A 260 37.27 7.02 -33.06
CA PRO A 260 37.05 8.25 -33.80
C PRO A 260 36.32 9.32 -33.00
N TYR A 261 36.14 9.05 -31.71
CA TYR A 261 35.37 9.93 -30.79
C TYR A 261 36.14 11.20 -30.49
N ASN A 262 37.47 11.16 -30.57
CA ASN A 262 38.22 12.40 -30.28
C ASN A 262 38.65 13.06 -31.59
N SER A 263 37.80 12.98 -32.61
CA SER A 263 38.11 13.57 -33.92
C SER A 263 37.54 14.98 -33.95
N ASP A 264 36.36 15.14 -33.38
CA ASP A 264 35.68 16.45 -33.35
C ASP A 264 35.93 17.09 -32.01
N THR A 265 36.92 17.98 -31.94
CA THR A 265 37.24 18.62 -30.67
C THR A 265 36.09 19.50 -30.19
N VAL A 266 35.31 20.10 -31.09
CA VAL A 266 34.26 21.00 -30.61
C VAL A 266 33.08 20.22 -30.02
N LEU A 267 32.78 19.04 -30.56
CA LEU A 267 31.74 18.23 -29.92
C LEU A 267 32.17 17.83 -28.52
N VAL A 268 33.42 17.42 -28.34
CA VAL A 268 33.91 17.16 -26.99
C VAL A 268 33.84 18.41 -26.13
N HIS A 269 34.33 19.55 -26.64
CA HIS A 269 34.24 20.77 -25.84
C HIS A 269 32.80 21.10 -25.50
N ARG A 270 31.89 20.98 -26.48
CA ARG A 270 30.48 21.22 -26.22
C ARG A 270 29.93 20.31 -25.13
N VAL A 271 30.18 19.00 -25.26
CA VAL A 271 29.69 18.05 -24.28
C VAL A 271 30.27 18.36 -22.90
N HIS A 272 31.59 18.47 -22.80
CA HIS A 272 32.19 18.71 -21.51
C HIS A 272 31.68 19.99 -20.89
N SER A 273 31.39 20.99 -21.71
CA SER A 273 30.91 22.25 -21.15
C SER A 273 29.51 22.09 -20.60
N TYR A 274 28.61 21.47 -21.39
CA TYR A 274 27.25 21.21 -20.96
C TYR A 274 27.23 20.42 -19.66
N LEU A 275 28.05 19.39 -19.57
CA LEU A 275 28.09 18.60 -18.36
C LEU A 275 28.54 19.44 -17.19
N GLU A 276 29.62 20.18 -17.35
CA GLU A 276 30.18 20.97 -16.26
C GLU A 276 29.17 21.99 -15.77
N ARG A 277 28.41 22.55 -16.70
CA ARG A 277 27.49 23.63 -16.37
C ARG A 277 26.35 23.12 -15.52
N HIS A 278 25.76 21.98 -15.91
CA HIS A 278 24.64 21.46 -15.15
C HIS A 278 25.08 20.49 -14.08
N GLY A 279 26.31 20.61 -13.59
CA GLY A 279 26.76 19.88 -12.42
C GLY A 279 26.71 18.38 -12.54
N LEU A 280 26.81 17.83 -13.74
CA LEU A 280 26.94 16.39 -13.85
C LEU A 280 28.36 15.95 -13.61
N ILE A 281 29.31 16.89 -13.75
CA ILE A 281 30.73 16.66 -13.53
C ILE A 281 31.27 17.90 -12.87
N ASN A 282 32.39 17.76 -12.17
CA ASN A 282 32.97 18.88 -11.41
C ASN A 282 31.88 19.61 -10.63
N PHE A 283 31.24 18.84 -9.73
CA PHE A 283 30.38 19.36 -8.69
C PHE A 283 30.87 18.78 -7.38
N GLY A 284 30.53 19.43 -6.27
CA GLY A 284 30.94 18.92 -4.98
C GLY A 284 32.23 19.54 -4.50
N ILE A 285 33.02 18.83 -3.72
CA ILE A 285 34.33 19.30 -3.30
C ILE A 285 35.39 18.57 -4.11
N TYR A 286 35.96 19.28 -5.08
CA TYR A 286 37.07 18.83 -5.88
C TYR A 286 38.23 19.79 -5.77
N LYS A 287 39.44 19.25 -5.95
CA LYS A 287 40.64 20.07 -6.13
C LYS A 287 40.66 20.62 -7.54
N ARG A 288 40.85 21.93 -7.61
CA ARG A 288 40.76 22.71 -8.87
C ARG A 288 42.07 22.67 -9.62
N ILE A 289 42.10 22.02 -10.77
CA ILE A 289 43.39 21.99 -11.51
C ILE A 289 43.75 23.42 -11.88
N LYS A 290 42.79 24.15 -12.43
CA LYS A 290 43.08 25.54 -12.83
C LYS A 290 42.37 26.48 -11.87
N PRO A 291 43.08 27.28 -11.06
CA PRO A 291 42.45 28.15 -10.10
C PRO A 291 41.53 29.17 -10.77
N LEU A 292 40.51 29.54 -10.03
CA LEU A 292 39.40 30.42 -10.45
C LEU A 292 39.92 31.79 -10.88
N PRO A 293 39.29 32.43 -11.87
CA PRO A 293 39.68 33.76 -12.28
C PRO A 293 39.40 34.68 -11.10
N THR A 294 40.34 35.59 -10.86
CA THR A 294 40.29 36.60 -9.78
C THR A 294 39.16 37.59 -10.04
N LYS A 295 38.88 37.86 -11.32
CA LYS A 295 37.80 38.83 -11.66
C LYS A 295 36.49 38.06 -11.75
N LYS A 296 35.57 38.34 -10.83
CA LYS A 296 34.25 37.69 -10.82
C LYS A 296 33.32 38.42 -11.77
N THR A 297 32.23 37.80 -12.17
CA THR A 297 31.27 38.51 -13.04
C THR A 297 29.88 38.26 -12.53
N GLY A 298 29.11 39.27 -12.15
CA GLY A 298 27.72 39.09 -11.69
C GLY A 298 27.61 38.89 -10.21
N LYS A 299 26.52 39.31 -9.58
CA LYS A 299 26.42 39.09 -8.13
C LYS A 299 25.15 38.33 -7.80
N VAL A 300 25.28 37.22 -7.07
CA VAL A 300 24.09 36.39 -6.75
C VAL A 300 23.93 36.31 -5.25
N ILE A 301 22.74 36.63 -4.78
CA ILE A 301 22.41 36.43 -3.38
C ILE A 301 21.62 35.14 -3.25
N ILE A 302 22.06 34.28 -2.31
CA ILE A 302 21.45 33.00 -2.03
C ILE A 302 20.80 33.05 -0.65
N ILE A 303 19.50 32.81 -0.60
CA ILE A 303 18.76 32.85 0.65
C ILE A 303 18.77 31.43 1.22
N GLY A 304 19.48 31.27 2.33
CA GLY A 304 19.54 30.01 3.04
C GLY A 304 20.77 29.22 2.69
N SER A 305 21.48 28.71 3.68
CA SER A 305 22.62 27.82 3.43
C SER A 305 22.27 26.39 3.76
N GLY A 306 21.04 25.98 3.45
CA GLY A 306 20.74 24.58 3.38
C GLY A 306 21.43 23.98 2.19
N VAL A 307 21.52 22.64 2.20
CA VAL A 307 22.27 21.90 1.18
C VAL A 307 21.99 22.43 -0.22
N SER A 308 20.73 22.66 -0.56
CA SER A 308 20.47 23.19 -1.89
C SER A 308 21.18 24.52 -2.06
N GLY A 309 21.07 25.40 -1.08
CA GLY A 309 21.82 26.64 -1.06
C GLY A 309 23.28 26.42 -1.34
N LEU A 310 23.96 25.58 -0.55
CA LEU A 310 25.41 25.52 -0.66
C LEU A 310 25.80 24.92 -1.99
N ALA A 311 25.00 23.98 -2.47
CA ALA A 311 25.32 23.34 -3.73
C ALA A 311 25.32 24.34 -4.87
N ALA A 312 24.35 25.25 -4.91
CA ALA A 312 24.40 26.30 -5.93
C ALA A 312 25.56 27.25 -5.69
N ALA A 313 25.69 27.71 -4.44
CA ALA A 313 26.80 28.58 -4.08
C ALA A 313 28.14 28.06 -4.58
N ARG A 314 28.47 26.80 -4.25
CA ARG A 314 29.74 26.23 -4.73
C ARG A 314 29.81 26.27 -6.24
N GLN A 315 28.69 25.99 -6.90
CA GLN A 315 28.70 25.90 -8.35
C GLN A 315 28.85 27.25 -9.00
N LEU A 316 28.14 28.26 -8.48
CA LEU A 316 28.24 29.60 -9.02
C LEU A 316 29.64 30.17 -8.80
N GLN A 317 30.12 30.15 -7.56
CA GLN A 317 31.53 30.45 -7.32
C GLN A 317 32.42 29.67 -8.28
N SER A 318 32.15 28.38 -8.47
CA SER A 318 32.93 27.57 -9.41
C SER A 318 32.90 28.16 -10.82
N PHE A 319 31.85 28.91 -11.16
CA PHE A 319 31.70 29.43 -12.51
C PHE A 319 32.16 30.87 -12.63
N GLY A 320 32.77 31.42 -11.58
CA GLY A 320 33.30 32.76 -11.62
C GLY A 320 32.31 33.83 -11.23
N MET A 321 31.29 33.49 -10.48
CA MET A 321 30.34 34.50 -10.05
C MET A 321 30.65 34.88 -8.61
N ASP A 322 30.04 35.98 -8.18
CA ASP A 322 30.14 36.47 -6.81
C ASP A 322 28.89 36.01 -6.06
N VAL A 323 29.08 35.19 -5.03
CA VAL A 323 27.93 34.66 -4.30
C VAL A 323 28.06 34.99 -2.84
N THR A 324 26.92 35.33 -2.24
CA THR A 324 26.80 35.42 -0.81
C THR A 324 25.52 34.69 -0.40
N LEU A 325 25.66 33.81 0.59
CA LEU A 325 24.51 33.15 1.18
C LEU A 325 24.14 33.88 2.45
N LEU A 326 22.85 34.13 2.58
CA LEU A 326 22.25 34.78 3.76
C LEU A 326 21.61 33.67 4.56
N GLU A 327 21.87 33.62 5.84
CA GLU A 327 21.41 32.46 6.60
C GLU A 327 20.85 32.86 7.96
N ALA A 328 19.60 32.55 8.23
CA ALA A 328 18.98 32.94 9.51
C ALA A 328 19.67 32.26 10.68
N ARG A 329 20.06 31.01 10.50
CA ARG A 329 20.63 30.24 11.62
C ARG A 329 22.08 30.61 11.92
N ASP A 330 22.60 30.04 13.00
CA ASP A 330 24.00 30.23 13.40
C ASP A 330 24.81 29.04 12.91
N ARG A 331 24.22 28.20 12.07
CA ARG A 331 24.95 27.06 11.51
C ARG A 331 24.43 26.79 10.12
N VAL A 332 25.22 26.13 9.30
CA VAL A 332 24.78 25.75 7.94
C VAL A 332 24.07 24.41 7.99
N GLY A 333 23.56 23.97 6.84
CA GLY A 333 22.95 22.64 6.68
C GLY A 333 21.46 22.66 6.78
N GLY A 334 20.90 23.72 7.34
CA GLY A 334 19.44 23.79 7.46
C GLY A 334 18.87 22.53 8.06
N ARG A 335 18.05 21.83 7.31
CA ARG A 335 17.45 20.58 7.78
C ARG A 335 18.43 19.41 7.86
N VAL A 336 19.72 19.62 7.63
CA VAL A 336 20.76 18.64 7.97
C VAL A 336 21.41 19.13 9.26
N ALA A 337 20.90 18.59 10.37
CA ALA A 337 21.16 19.11 11.70
C ALA A 337 21.72 17.96 12.54
N THR A 338 22.97 18.09 12.97
CA THR A 338 23.64 17.05 13.75
C THR A 338 23.83 17.49 15.19
N PHE A 339 23.38 16.65 16.11
CA PHE A 339 23.70 16.83 17.52
C PHE A 339 25.13 16.38 17.81
N ARG A 340 25.86 17.18 18.58
CA ARG A 340 27.18 16.79 19.06
C ARG A 340 27.35 17.25 20.49
N LYS A 341 27.84 16.32 21.33
CA LYS A 341 28.20 16.59 22.72
C LYS A 341 29.10 15.45 23.15
N GLY A 342 30.30 15.77 23.61
CA GLY A 342 31.24 14.71 23.95
C GLY A 342 31.49 13.81 22.76
N ASN A 343 31.29 12.50 22.97
CA ASN A 343 31.37 11.51 21.92
C ASN A 343 30.00 11.23 21.31
N TYR A 344 28.95 11.85 21.84
CA TYR A 344 27.60 11.63 21.34
C TYR A 344 27.40 12.37 20.01
N VAL A 345 26.87 11.67 19.02
CA VAL A 345 26.57 12.22 17.70
C VAL A 345 25.24 11.65 17.23
N ALA A 346 24.32 12.53 16.82
CA ALA A 346 23.00 12.06 16.42
C ALA A 346 22.31 13.08 15.53
N ASP A 347 22.02 12.70 14.29
CA ASP A 347 21.20 13.48 13.38
C ASP A 347 19.76 13.67 13.83
N LEU A 348 19.45 14.93 14.05
CA LEU A 348 18.12 15.48 14.25
C LEU A 348 17.39 15.71 12.93
N GLY A 349 18.15 15.76 11.84
CA GLY A 349 17.61 16.04 10.51
C GLY A 349 17.69 14.80 9.66
N ALA A 350 18.14 14.94 8.43
CA ALA A 350 18.34 13.73 7.64
C ALA A 350 19.43 12.89 8.30
N MET A 351 19.33 11.58 8.10
CA MET A 351 20.30 10.65 8.70
C MET A 351 20.49 9.44 7.80
N VAL A 352 19.76 9.33 6.70
CA VAL A 352 19.92 8.12 5.85
C VAL A 352 20.28 8.53 4.43
N VAL A 353 21.11 7.75 3.75
CA VAL A 353 21.37 7.99 2.32
C VAL A 353 20.61 6.87 1.64
N THR A 354 19.69 7.15 0.75
CA THR A 354 18.88 6.03 0.27
C THR A 354 19.50 5.28 -0.89
N GLY A 355 20.67 4.68 -0.75
CA GLY A 355 21.15 3.85 -1.85
C GLY A 355 22.03 4.59 -2.80
N LEU A 356 23.22 4.10 -3.05
CA LEU A 356 24.19 4.77 -3.93
C LEU A 356 23.92 4.40 -5.38
N GLY A 357 22.84 3.71 -5.66
CA GLY A 357 22.67 3.36 -7.06
C GLY A 357 22.15 4.50 -7.92
N GLY A 358 23.05 5.36 -8.40
CA GLY A 358 22.66 6.59 -9.05
C GLY A 358 22.49 7.76 -8.12
N ASN A 359 22.93 7.63 -6.90
CA ASN A 359 22.80 8.71 -5.95
C ASN A 359 23.97 9.67 -6.11
N PRO A 360 23.71 10.97 -6.23
CA PRO A 360 24.82 11.92 -6.25
C PRO A 360 25.56 11.99 -4.94
N MET A 361 24.90 11.66 -3.82
CA MET A 361 25.60 11.56 -2.55
C MET A 361 26.78 10.62 -2.65
N ALA A 362 26.68 9.61 -3.53
CA ALA A 362 27.76 8.65 -3.72
C ALA A 362 29.05 9.33 -4.14
N VAL A 363 28.97 10.30 -5.05
CA VAL A 363 30.12 11.12 -5.39
C VAL A 363 30.56 11.93 -4.18
N VAL A 364 29.60 12.51 -3.45
CA VAL A 364 29.91 13.34 -2.30
C VAL A 364 30.67 12.53 -1.27
N SER A 365 30.21 11.31 -1.00
CA SER A 365 30.87 10.47 -0.01
C SER A 365 32.31 10.17 -0.42
N LYS A 366 32.59 10.05 -1.71
CA LYS A 366 33.98 9.85 -2.09
C LYS A 366 34.78 11.13 -1.82
N GLN A 367 34.17 12.30 -1.95
CA GLN A 367 34.84 13.58 -1.75
C GLN A 367 34.99 13.92 -0.28
N VAL A 368 33.93 13.67 0.48
CA VAL A 368 33.95 13.99 1.92
C VAL A 368 34.04 12.67 2.68
N ASN A 369 34.75 12.64 3.79
CA ASN A 369 34.79 11.34 4.47
C ASN A 369 33.56 11.21 5.34
N MET A 370 32.56 10.50 4.85
CA MET A 370 31.39 10.23 5.67
C MET A 370 31.48 8.74 5.98
N GLU A 371 31.34 8.36 7.25
CA GLU A 371 31.36 6.93 7.59
C GLU A 371 29.97 6.42 7.26
N LEU A 372 29.83 5.78 6.12
CA LEU A 372 28.57 5.27 5.61
C LEU A 372 28.39 3.84 6.10
N ALA A 373 27.37 3.63 6.92
CA ALA A 373 27.13 2.36 7.59
C ALA A 373 25.79 1.80 7.13
N LYS A 374 25.82 0.59 6.57
CA LYS A 374 24.60 -0.02 5.98
C LYS A 374 23.55 -0.25 7.05
N ILE A 375 22.29 -0.15 6.66
CA ILE A 375 21.19 -0.33 7.63
C ILE A 375 20.61 -1.72 7.44
N LYS A 376 20.73 -2.57 8.44
CA LYS A 376 20.19 -3.94 8.36
C LYS A 376 18.68 -3.81 8.46
N GLN A 377 17.97 -4.30 7.46
CA GLN A 377 16.51 -4.11 7.32
C GLN A 377 15.66 -4.88 8.32
N LYS A 378 16.22 -5.82 9.08
CA LYS A 378 15.40 -6.56 10.06
C LYS A 378 14.84 -5.60 11.09
N CYS A 379 13.55 -5.67 11.33
CA CYS A 379 12.87 -4.83 12.30
C CYS A 379 11.81 -5.60 13.08
N PRO A 380 12.07 -5.92 14.35
CA PRO A 380 11.07 -6.62 15.17
C PRO A 380 10.08 -5.66 15.81
N LEU A 381 8.79 -5.88 15.58
CA LEU A 381 7.79 -5.09 16.28
C LEU A 381 7.54 -5.67 17.67
N TYR A 382 7.01 -4.83 18.54
CA TYR A 382 6.72 -5.21 19.91
C TYR A 382 5.46 -4.49 20.33
N GLU A 383 4.47 -5.23 20.81
CA GLU A 383 3.17 -4.70 21.13
C GLU A 383 3.25 -3.81 22.37
N ALA A 384 2.13 -3.22 22.74
CA ALA A 384 2.14 -2.31 23.88
C ALA A 384 2.51 -3.05 25.19
N ASN A 385 2.22 -4.36 25.28
CA ASN A 385 2.55 -5.13 26.48
C ASN A 385 4.06 -5.20 26.73
N GLY A 386 4.86 -5.22 25.68
CA GLY A 386 6.29 -5.31 25.79
C GLY A 386 6.92 -6.56 25.20
N GLN A 387 6.21 -7.28 24.35
CA GLN A 387 6.66 -8.59 23.94
C GLN A 387 6.54 -8.71 22.43
N ALA A 388 7.49 -9.41 21.83
CA ALA A 388 7.59 -9.46 20.37
C ALA A 388 6.33 -10.02 19.73
N VAL A 389 5.96 -9.41 18.61
CA VAL A 389 4.97 -10.05 17.75
C VAL A 389 5.56 -11.36 17.22
N PRO A 390 4.81 -12.45 17.23
CA PRO A 390 5.31 -13.71 16.64
C PRO A 390 5.38 -13.65 15.13
N LYS A 391 6.46 -14.20 14.56
CA LYS A 391 6.70 -14.21 13.12
C LYS A 391 5.46 -14.56 12.30
N GLU A 392 4.68 -15.53 12.78
CA GLU A 392 3.42 -15.88 12.12
C GLU A 392 2.56 -14.64 11.90
N LYS A 393 2.49 -13.78 12.92
CA LYS A 393 1.62 -12.60 12.93
C LYS A 393 2.28 -11.44 12.18
N ASP A 394 3.56 -11.17 12.50
CA ASP A 394 4.31 -10.13 11.80
C ASP A 394 4.22 -10.27 10.29
N GLU A 395 4.17 -11.49 9.79
CA GLU A 395 4.18 -11.63 8.34
C GLU A 395 2.79 -11.58 7.75
N MET A 396 1.79 -12.16 8.43
CA MET A 396 0.48 -12.11 7.83
C MET A 396 -0.11 -10.72 7.88
N VAL A 397 0.31 -9.89 8.85
CA VAL A 397 -0.14 -8.49 8.83
C VAL A 397 0.66 -7.67 7.82
N GLU A 398 1.98 -7.84 7.79
CA GLU A 398 2.79 -7.09 6.83
C GLU A 398 2.31 -7.34 5.41
N GLN A 399 2.01 -8.60 5.06
CA GLN A 399 1.57 -8.85 3.69
C GLN A 399 0.22 -8.21 3.45
N GLU A 400 -0.63 -8.15 4.47
CA GLU A 400 -1.93 -7.53 4.26
C GLU A 400 -1.76 -6.05 3.94
N PHE A 401 -0.89 -5.38 4.71
CA PHE A 401 -0.49 -4.00 4.43
C PHE A 401 -0.15 -3.81 2.96
N ASN A 402 0.80 -4.61 2.45
CA ASN A 402 1.23 -4.41 1.08
C ASN A 402 0.12 -4.71 0.09
N ARG A 403 -0.67 -5.77 0.36
CA ARG A 403 -1.84 -6.04 -0.46
C ARG A 403 -2.80 -4.86 -0.42
N LEU A 404 -2.95 -4.25 0.76
CA LEU A 404 -3.83 -3.10 0.89
C LEU A 404 -3.32 -1.90 0.09
N LEU A 405 -2.01 -1.67 0.10
CA LEU A 405 -1.45 -0.60 -0.74
C LEU A 405 -1.79 -0.84 -2.21
N GLU A 406 -1.41 -2.02 -2.74
CA GLU A 406 -1.81 -2.38 -4.10
C GLU A 406 -3.27 -2.09 -4.37
N ALA A 407 -4.14 -2.40 -3.41
CA ALA A 407 -5.57 -2.20 -3.63
C ALA A 407 -5.87 -0.74 -3.96
N THR A 408 -5.29 0.18 -3.19
CA THR A 408 -5.52 1.61 -3.45
C THR A 408 -5.08 1.98 -4.85
N SER A 409 -3.93 1.46 -5.28
CA SER A 409 -3.47 1.70 -6.65
C SER A 409 -4.49 1.18 -7.66
N TYR A 410 -5.17 0.09 -7.34
CA TYR A 410 -6.21 -0.41 -8.22
C TYR A 410 -7.41 0.54 -8.23
N LEU A 411 -7.89 0.96 -7.06
CA LEU A 411 -8.92 2.00 -7.02
C LEU A 411 -8.49 3.23 -7.77
N SER A 412 -7.22 3.62 -7.62
CA SER A 412 -6.74 4.83 -8.28
C SER A 412 -6.76 4.67 -9.80
N HIS A 413 -6.03 3.67 -10.30
CA HIS A 413 -5.70 3.62 -11.72
C HIS A 413 -6.72 2.84 -12.55
N GLN A 414 -7.37 1.82 -11.97
CA GLN A 414 -8.32 0.99 -12.71
C GLN A 414 -9.77 1.46 -12.55
N LEU A 415 -10.20 1.81 -11.34
CA LEU A 415 -11.57 2.27 -11.12
C LEU A 415 -11.70 3.81 -11.13
N ASP A 416 -10.59 4.53 -11.27
CA ASP A 416 -10.54 6.00 -11.30
C ASP A 416 -11.33 6.61 -10.13
N PHE A 417 -11.15 6.03 -8.96
CA PHE A 417 -11.78 6.51 -7.73
C PHE A 417 -10.88 7.61 -7.17
N ASN A 418 -11.02 8.81 -7.73
CA ASN A 418 -10.08 9.86 -7.41
C ASN A 418 -10.71 11.19 -7.02
N VAL A 419 -12.04 11.26 -6.98
CA VAL A 419 -12.77 12.46 -6.55
C VAL A 419 -13.99 11.97 -5.77
N LEU A 420 -14.41 12.75 -4.77
CA LEU A 420 -15.50 12.28 -3.90
C LEU A 420 -16.20 13.48 -3.27
N ASN A 421 -17.38 13.82 -3.78
CA ASN A 421 -18.12 15.01 -3.37
C ASN A 421 -17.26 16.25 -3.59
N ASN A 422 -16.68 16.35 -4.79
CA ASN A 422 -15.88 17.47 -5.29
C ASN A 422 -14.48 17.51 -4.71
N LYS A 423 -14.24 16.84 -3.61
CA LYS A 423 -12.90 16.90 -3.04
C LYS A 423 -12.02 15.80 -3.63
N PRO A 424 -10.70 15.96 -3.66
CA PRO A 424 -9.84 14.88 -4.15
C PRO A 424 -9.64 13.81 -3.11
N VAL A 425 -9.51 12.58 -3.59
CA VAL A 425 -9.42 11.44 -2.70
C VAL A 425 -8.00 11.33 -2.14
N SER A 426 -7.88 11.10 -0.85
CA SER A 426 -6.56 10.89 -0.26
C SER A 426 -6.25 9.40 -0.13
N LEU A 427 -4.96 9.11 0.06
CA LEU A 427 -4.54 7.74 0.31
C LEU A 427 -5.26 7.17 1.52
N GLY A 428 -5.34 7.96 2.59
CA GLY A 428 -6.02 7.50 3.79
C GLY A 428 -7.46 7.09 3.55
N GLN A 429 -8.25 7.97 2.92
CA GLN A 429 -9.63 7.61 2.58
C GLN A 429 -9.67 6.29 1.84
N ALA A 430 -8.84 6.16 0.80
CA ALA A 430 -8.87 4.97 -0.03
C ALA A 430 -8.50 3.73 0.75
N LEU A 431 -7.63 3.86 1.74
CA LEU A 431 -7.35 2.72 2.61
C LEU A 431 -8.57 2.33 3.44
N GLU A 432 -9.25 3.29 4.07
CA GLU A 432 -10.50 2.96 4.73
C GLU A 432 -11.44 2.23 3.78
N VAL A 433 -11.73 2.83 2.63
CA VAL A 433 -12.65 2.19 1.68
C VAL A 433 -12.19 0.79 1.29
N VAL A 434 -10.88 0.55 1.22
CA VAL A 434 -10.43 -0.80 0.92
C VAL A 434 -10.63 -1.71 2.13
N ILE A 435 -10.26 -1.26 3.33
CA ILE A 435 -10.48 -2.09 4.51
C ILE A 435 -11.96 -2.39 4.68
N GLN A 436 -12.82 -1.38 4.56
CA GLN A 436 -14.25 -1.61 4.63
C GLN A 436 -14.68 -2.68 3.62
N LEU A 437 -14.34 -2.52 2.34
CA LEU A 437 -14.78 -3.49 1.33
C LEU A 437 -14.27 -4.89 1.59
N GLN A 438 -13.25 -5.00 2.42
CA GLN A 438 -12.75 -6.35 2.76
C GLN A 438 -13.66 -6.84 3.86
N GLU A 439 -13.85 -6.02 4.88
CA GLU A 439 -14.74 -6.36 6.01
C GLU A 439 -16.11 -6.72 5.45
N LYS A 440 -16.66 -5.89 4.57
CA LYS A 440 -17.95 -6.17 3.92
C LYS A 440 -17.92 -7.52 3.24
N HIS A 441 -16.85 -7.87 2.53
CA HIS A 441 -16.90 -9.20 1.88
C HIS A 441 -16.73 -10.30 2.91
N VAL A 442 -16.06 -10.06 4.02
CA VAL A 442 -15.93 -11.13 5.04
C VAL A 442 -17.34 -11.52 5.49
N LYS A 443 -18.17 -10.55 5.80
CA LYS A 443 -19.53 -10.87 6.28
C LYS A 443 -20.27 -11.52 5.12
N ASP A 444 -20.13 -10.96 3.94
CA ASP A 444 -20.78 -11.46 2.70
C ASP A 444 -20.57 -12.96 2.52
N GLU A 445 -19.38 -13.49 2.76
CA GLU A 445 -19.17 -14.94 2.58
C GLU A 445 -19.93 -15.68 3.67
N GLN A 446 -19.85 -15.20 4.90
CA GLN A 446 -20.54 -15.89 6.01
C GLN A 446 -22.01 -16.05 5.67
N ILE A 447 -22.64 -14.96 5.29
CA ILE A 447 -24.06 -14.98 4.89
C ILE A 447 -24.26 -16.01 3.79
N GLU A 448 -23.41 -16.03 2.77
CA GLU A 448 -23.54 -17.06 1.72
C GLU A 448 -23.30 -18.44 2.32
N HIS A 449 -22.40 -18.60 3.28
CA HIS A 449 -22.16 -19.92 3.88
C HIS A 449 -23.37 -20.40 4.67
N TRP A 450 -23.73 -19.73 5.74
CA TRP A 450 -24.84 -20.23 6.56
C TRP A 450 -26.12 -20.34 5.76
N LYS A 451 -26.33 -19.47 4.77
CA LYS A 451 -27.51 -19.66 3.93
C LYS A 451 -27.43 -20.94 3.11
N LYS A 452 -26.27 -21.62 3.09
CA LYS A 452 -26.18 -23.00 2.62
C LYS A 452 -26.64 -23.97 3.70
N ILE A 453 -26.29 -23.69 4.95
CA ILE A 453 -26.77 -24.56 6.01
C ILE A 453 -28.29 -24.49 6.11
N VAL A 454 -28.92 -23.31 5.92
CA VAL A 454 -30.38 -23.30 5.92
C VAL A 454 -30.94 -24.00 4.68
N LYS A 455 -30.30 -23.84 3.51
CA LYS A 455 -30.84 -24.52 2.34
C LYS A 455 -30.85 -26.03 2.56
N THR A 456 -30.01 -26.53 3.47
CA THR A 456 -29.98 -27.97 3.72
C THR A 456 -30.78 -28.39 4.94
N GLN A 457 -30.67 -27.70 6.09
CA GLN A 457 -31.61 -27.99 7.17
C GLN A 457 -33.03 -28.09 6.66
N GLU A 458 -33.37 -27.40 5.59
CA GLU A 458 -34.75 -27.40 5.11
C GLU A 458 -35.05 -28.51 4.14
N GLU A 459 -34.07 -28.93 3.31
CA GLU A 459 -34.22 -30.20 2.60
C GLU A 459 -34.38 -31.35 3.59
N LEU A 460 -33.53 -31.38 4.62
CA LEU A 460 -33.69 -32.29 5.74
C LEU A 460 -35.11 -32.23 6.31
N LYS A 461 -35.55 -31.02 6.71
CA LYS A 461 -36.87 -30.87 7.33
C LYS A 461 -37.97 -31.42 6.45
N GLU A 462 -37.98 -31.04 5.17
CA GLU A 462 -38.98 -31.54 4.21
C GLU A 462 -38.90 -33.03 4.01
N LEU A 463 -37.76 -33.58 4.42
CA LEU A 463 -37.51 -35.03 4.26
C LEU A 463 -37.94 -35.73 5.53
N LEU A 464 -37.70 -35.13 6.68
CA LEU A 464 -38.14 -35.78 7.93
C LEU A 464 -39.65 -35.91 7.86
N ASN A 465 -40.35 -34.84 7.48
CA ASN A 465 -41.82 -34.87 7.31
C ASN A 465 -42.21 -36.03 6.41
N LYS A 466 -41.56 -36.23 5.28
CA LYS A 466 -41.89 -37.40 4.45
C LYS A 466 -41.65 -38.66 5.27
N MET A 467 -40.52 -38.74 5.96
CA MET A 467 -40.21 -39.96 6.73
C MET A 467 -41.18 -40.18 7.87
N VAL A 468 -41.66 -39.14 8.54
CA VAL A 468 -42.61 -39.42 9.66
C VAL A 468 -43.89 -39.93 9.03
N ASN A 469 -44.57 -39.10 8.27
CA ASN A 469 -45.76 -39.50 7.53
C ASN A 469 -45.61 -40.83 6.82
N LEU A 470 -44.40 -41.24 6.47
CA LEU A 470 -44.34 -42.59 5.90
C LEU A 470 -44.37 -43.66 6.98
N LYS A 471 -43.77 -43.38 8.15
CA LYS A 471 -43.82 -44.35 9.24
C LYS A 471 -45.25 -44.54 9.73
N GLU A 472 -46.10 -43.57 9.46
CA GLU A 472 -47.46 -43.69 9.95
C GLU A 472 -48.28 -44.51 8.98
N LYS A 473 -48.07 -44.32 7.66
CA LYS A 473 -48.62 -45.25 6.66
C LYS A 473 -48.09 -46.68 6.87
N ILE A 474 -46.83 -46.82 7.31
CA ILE A 474 -46.31 -48.16 7.55
C ILE A 474 -46.92 -48.76 8.81
N LYS A 475 -47.13 -47.93 9.84
CA LYS A 475 -47.77 -48.41 11.06
C LYS A 475 -49.19 -48.89 10.80
N GLU A 476 -49.93 -48.19 9.94
CA GLU A 476 -51.30 -48.59 9.66
C GLU A 476 -51.35 -49.85 8.81
N LEU A 477 -50.58 -49.91 7.72
CA LEU A 477 -50.57 -51.13 6.91
C LEU A 477 -50.18 -52.33 7.72
N HIS A 478 -49.17 -52.20 8.58
CA HIS A 478 -48.74 -53.36 9.35
C HIS A 478 -49.86 -53.90 10.20
N GLN A 479 -50.54 -53.01 10.93
CA GLN A 479 -51.77 -53.38 11.62
C GLN A 479 -52.71 -54.11 10.67
N GLN A 480 -52.95 -53.55 9.49
CA GLN A 480 -53.90 -54.15 8.56
C GLN A 480 -53.44 -55.55 8.11
N TYR A 481 -52.17 -55.68 7.73
CA TYR A 481 -51.68 -57.00 7.31
C TYR A 481 -51.72 -57.98 8.46
N LYS A 482 -51.36 -57.54 9.66
CA LYS A 482 -51.43 -58.43 10.81
C LYS A 482 -52.85 -58.93 11.00
N GLU A 483 -53.82 -58.01 11.01
CA GLU A 483 -55.23 -58.38 11.10
C GLU A 483 -55.67 -59.33 9.99
N ALA A 484 -55.03 -59.26 8.83
CA ALA A 484 -55.42 -60.14 7.74
C ALA A 484 -54.70 -61.47 7.77
N SER A 485 -53.57 -61.50 8.46
CA SER A 485 -52.88 -62.80 8.57
C SER A 485 -53.46 -63.55 9.76
N GLU A 486 -54.30 -62.89 10.56
CA GLU A 486 -54.92 -63.52 11.74
C GLU A 486 -56.11 -64.32 11.26
N VAL A 487 -56.68 -63.95 10.11
CA VAL A 487 -57.77 -64.81 9.60
C VAL A 487 -57.13 -66.14 9.27
N LYS A 488 -57.38 -67.14 10.08
CA LYS A 488 -56.83 -68.49 9.89
C LYS A 488 -57.25 -69.06 8.54
N PRO A 489 -56.38 -69.82 7.88
CA PRO A 489 -56.72 -70.48 6.66
C PRO A 489 -57.53 -71.72 7.03
N PRO A 490 -58.39 -72.25 6.13
CA PRO A 490 -58.24 -72.10 4.71
C PRO A 490 -59.15 -70.92 4.36
N ARG A 491 -58.70 -70.04 3.49
CA ARG A 491 -59.52 -68.86 3.22
C ARG A 491 -59.93 -68.83 1.76
N ASP A 492 -60.87 -67.94 1.43
CA ASP A 492 -61.28 -67.74 0.05
C ASP A 492 -60.26 -66.83 -0.63
N ILE A 493 -60.35 -66.71 -1.95
CA ILE A 493 -59.19 -66.11 -2.60
C ILE A 493 -59.13 -64.61 -2.36
N THR A 494 -60.28 -63.93 -2.26
CA THR A 494 -60.23 -62.50 -1.91
C THR A 494 -59.50 -62.28 -0.60
N ALA A 495 -59.68 -63.20 0.37
CA ALA A 495 -59.00 -63.06 1.64
C ALA A 495 -57.52 -63.43 1.55
N GLU A 496 -57.17 -64.35 0.65
CA GLU A 496 -55.75 -64.64 0.46
C GLU A 496 -55.08 -63.52 -0.34
N PHE A 497 -55.83 -62.91 -1.27
CA PHE A 497 -55.33 -61.73 -1.96
C PHE A 497 -55.02 -60.63 -0.95
N LEU A 498 -55.87 -60.48 0.05
CA LEU A 498 -55.73 -59.36 0.97
C LEU A 498 -54.40 -59.46 1.72
N VAL A 499 -54.06 -60.66 2.18
CA VAL A 499 -52.77 -60.87 2.84
C VAL A 499 -51.63 -60.55 1.87
N LYS A 500 -51.62 -61.22 0.71
CA LYS A 500 -50.53 -61.07 -0.25
C LYS A 500 -50.39 -59.61 -0.70
N SER A 501 -51.51 -58.93 -0.88
CA SER A 501 -51.54 -57.54 -1.30
C SER A 501 -50.94 -56.61 -0.26
N LYS A 502 -51.58 -56.52 0.91
CA LYS A 502 -51.04 -55.80 2.06
C LYS A 502 -49.55 -56.08 2.21
N HIS A 503 -49.12 -57.31 1.92
CA HIS A 503 -47.70 -57.63 2.10
C HIS A 503 -46.86 -56.93 1.04
N ARG A 504 -47.19 -57.09 -0.22
CA ARG A 504 -46.52 -56.31 -1.25
C ARG A 504 -46.55 -54.82 -0.92
N ASP A 505 -47.75 -54.30 -0.60
CA ASP A 505 -47.91 -52.89 -0.27
C ASP A 505 -47.03 -52.47 0.91
N LEU A 506 -46.94 -53.30 1.94
CA LEU A 506 -46.09 -52.95 3.07
C LEU A 506 -44.64 -52.91 2.64
N THR A 507 -44.24 -53.86 1.79
CA THR A 507 -42.84 -53.93 1.38
C THR A 507 -42.47 -52.79 0.46
N ALA A 508 -43.40 -52.36 -0.41
CA ALA A 508 -43.23 -51.16 -1.21
C ALA A 508 -42.91 -49.95 -0.34
N LEU A 509 -43.78 -49.65 0.63
CA LEU A 509 -43.53 -48.54 1.54
C LEU A 509 -42.28 -48.74 2.36
N CYS A 510 -41.93 -49.98 2.68
CA CYS A 510 -40.74 -50.20 3.47
C CYS A 510 -39.48 -49.93 2.67
N LYS A 511 -39.50 -50.20 1.36
CA LYS A 511 -38.34 -49.88 0.55
C LYS A 511 -38.25 -48.38 0.29
N GLU A 512 -39.40 -47.69 0.25
CA GLU A 512 -39.38 -46.23 0.12
C GLU A 512 -38.74 -45.56 1.33
N TYR A 513 -39.12 -45.99 2.54
CA TYR A 513 -38.51 -45.46 3.77
C TYR A 513 -37.04 -45.82 3.87
N ASP A 514 -36.59 -46.86 3.17
CA ASP A 514 -35.17 -47.18 3.18
C ASP A 514 -34.37 -46.22 2.31
N GLU A 515 -34.84 -45.99 1.07
CA GLU A 515 -34.21 -45.04 0.18
C GLU A 515 -34.19 -43.63 0.79
N LEU A 516 -35.17 -43.30 1.62
CA LEU A 516 -35.21 -42.01 2.28
C LEU A 516 -34.32 -41.93 3.51
N ALA A 517 -33.74 -43.02 3.99
CA ALA A 517 -32.74 -42.91 5.05
C ALA A 517 -31.35 -43.03 4.51
N GLU A 518 -31.21 -43.28 3.23
CA GLU A 518 -29.96 -43.01 2.54
C GLU A 518 -29.86 -41.52 2.27
N THR A 519 -30.99 -40.89 1.97
CA THR A 519 -30.99 -39.45 1.75
C THR A 519 -30.94 -38.67 3.07
N GLN A 520 -31.58 -39.16 4.15
CA GLN A 520 -31.35 -38.46 5.42
C GLN A 520 -29.90 -38.56 5.84
N GLY A 521 -29.27 -39.69 5.54
CA GLY A 521 -27.85 -39.85 5.74
C GLY A 521 -27.05 -39.41 4.54
N LYS A 522 -27.68 -38.69 3.61
CA LYS A 522 -26.96 -37.93 2.58
C LYS A 522 -26.99 -36.42 2.81
N LEU A 523 -27.80 -35.95 3.75
CA LEU A 523 -27.78 -34.54 4.10
C LEU A 523 -27.30 -34.33 5.53
N GLU A 524 -27.36 -35.36 6.36
CA GLU A 524 -26.86 -35.22 7.73
C GLU A 524 -25.35 -35.09 7.78
N GLU A 525 -24.66 -35.16 6.64
CA GLU A 525 -23.21 -35.09 6.61
C GLU A 525 -22.66 -34.00 5.70
N LYS A 526 -23.46 -33.55 4.76
CA LYS A 526 -23.06 -32.30 4.11
C LYS A 526 -23.16 -31.29 5.25
N LEU A 527 -24.23 -31.39 6.03
CA LEU A 527 -24.44 -30.51 7.19
C LEU A 527 -23.25 -30.60 8.14
N GLN A 528 -22.76 -31.80 8.43
CA GLN A 528 -21.62 -31.87 9.36
C GLN A 528 -20.40 -31.27 8.68
N GLU A 529 -20.24 -31.52 7.39
CA GLU A 529 -19.05 -31.00 6.69
C GLU A 529 -19.06 -29.48 6.79
N LEU A 530 -20.15 -28.86 6.35
CA LEU A 530 -20.26 -27.39 6.35
C LEU A 530 -19.94 -26.83 7.73
N GLU A 531 -20.50 -27.40 8.79
CA GLU A 531 -20.26 -26.87 10.15
C GLU A 531 -18.79 -26.80 10.52
N ALA A 532 -17.95 -27.74 10.07
CA ALA A 532 -16.52 -27.70 10.40
C ALA A 532 -15.76 -26.80 9.42
N ASN A 533 -16.36 -26.48 8.28
CA ASN A 533 -15.62 -25.64 7.34
C ASN A 533 -16.27 -24.26 7.25
N PRO A 534 -16.22 -23.47 8.32
CA PRO A 534 -16.77 -22.12 8.27
C PRO A 534 -15.74 -21.15 7.74
N PRO A 535 -16.16 -20.09 7.05
CA PRO A 535 -15.17 -19.11 6.57
C PRO A 535 -14.55 -18.33 7.72
N SER A 536 -13.76 -17.31 7.37
CA SER A 536 -13.00 -16.56 8.35
C SER A 536 -13.92 -15.77 9.26
N ASP A 537 -13.61 -15.80 10.56
CA ASP A 537 -14.48 -15.16 11.55
C ASP A 537 -14.46 -13.64 11.43
N VAL A 538 -13.27 -13.04 11.38
CA VAL A 538 -13.10 -11.61 11.22
C VAL A 538 -12.27 -11.34 9.97
N TYR A 539 -12.29 -10.07 9.55
CA TYR A 539 -11.26 -9.58 8.64
C TYR A 539 -9.96 -9.32 9.38
N LEU A 540 -9.99 -8.41 10.35
CA LEU A 540 -8.85 -8.24 11.25
C LEU A 540 -9.33 -8.04 12.68
N SER A 541 -8.60 -8.65 13.60
CA SER A 541 -8.82 -8.52 15.03
C SER A 541 -8.31 -7.18 15.53
N SER A 542 -8.77 -6.80 16.72
CA SER A 542 -8.19 -5.64 17.38
C SER A 542 -6.68 -5.73 17.49
N ARG A 543 -6.12 -6.92 17.47
CA ARG A 543 -4.69 -6.92 17.64
C ARG A 543 -4.00 -6.91 16.28
N ASP A 544 -4.66 -7.50 15.28
CA ASP A 544 -4.29 -7.34 13.88
C ASP A 544 -4.25 -5.85 13.51
N ARG A 545 -5.41 -5.19 13.57
CA ARG A 545 -5.57 -3.79 13.20
C ARG A 545 -4.59 -2.87 13.93
N GLN A 546 -4.07 -3.28 15.09
CA GLN A 546 -3.09 -2.45 15.79
C GLN A 546 -1.69 -2.62 15.21
N ILE A 547 -1.34 -3.81 14.77
CA ILE A 547 -0.05 -3.98 14.12
C ILE A 547 -0.09 -3.41 12.71
N LEU A 548 -1.25 -3.48 12.07
CA LEU A 548 -1.46 -2.79 10.81
C LEU A 548 -1.24 -1.28 10.99
N ASP A 549 -1.66 -0.73 12.13
CA ASP A 549 -1.44 0.68 12.37
C ASP A 549 0.04 1.01 12.47
N TRP A 550 0.87 0.06 12.90
CA TRP A 550 2.30 0.36 12.93
C TRP A 550 2.85 0.48 11.52
N HIS A 551 2.40 -0.39 10.63
CA HIS A 551 2.81 -0.31 9.24
C HIS A 551 2.31 0.97 8.58
N PHE A 552 1.20 1.54 9.07
CA PHE A 552 0.75 2.84 8.56
C PHE A 552 1.60 3.96 9.15
N ALA A 553 1.84 3.92 10.45
CA ALA A 553 2.81 4.83 11.04
C ALA A 553 4.10 4.85 10.22
N ASN A 554 4.54 3.71 9.73
CA ASN A 554 5.77 3.73 8.94
C ASN A 554 5.59 4.57 7.68
N LEU A 555 4.45 4.43 6.98
CA LEU A 555 4.18 5.30 5.83
C LEU A 555 4.07 6.75 6.23
N GLU A 556 3.39 7.01 7.35
CA GLU A 556 3.26 8.38 7.83
C GLU A 556 4.64 8.97 8.08
N PHE A 557 5.56 8.16 8.62
CA PHE A 557 6.97 8.54 8.67
C PHE A 557 7.58 8.80 7.30
N ALA A 558 7.46 7.86 6.37
CA ALA A 558 8.13 8.03 5.09
C ALA A 558 7.71 9.34 4.41
N ASN A 559 6.44 9.72 4.54
CA ASN A 559 5.91 10.88 3.87
C ASN A 559 5.65 12.04 4.81
N ALA A 560 6.15 11.96 6.03
CA ALA A 560 6.01 13.00 7.05
C ALA A 560 4.61 13.64 7.07
N THR A 561 3.56 12.80 7.14
CA THR A 561 2.22 13.36 7.15
C THR A 561 1.16 12.28 7.37
N PRO A 562 0.03 12.63 8.00
CA PRO A 562 -1.14 11.75 8.03
C PRO A 562 -1.54 11.28 6.64
N LEU A 563 -1.79 9.98 6.48
CA LEU A 563 -2.15 9.48 5.16
C LEU A 563 -3.46 10.10 4.68
N SER A 564 -4.16 10.84 5.54
CA SER A 564 -5.37 11.50 5.12
C SER A 564 -5.09 12.70 4.25
N THR A 565 -3.82 13.11 4.18
CA THR A 565 -3.40 14.29 3.43
C THR A 565 -2.64 13.96 2.14
N LEU A 566 -2.05 12.77 2.03
CA LEU A 566 -1.35 12.38 0.81
C LEU A 566 -2.34 12.22 -0.35
N SER A 567 -1.95 12.69 -1.55
CA SER A 567 -2.77 12.44 -2.73
C SER A 567 -2.82 10.95 -3.04
N LEU A 568 -4.02 10.42 -3.24
CA LEU A 568 -4.10 9.02 -3.62
C LEU A 568 -3.40 8.79 -4.95
N LYS A 569 -3.71 9.61 -5.95
CA LYS A 569 -3.15 9.39 -7.29
C LYS A 569 -1.62 9.54 -7.29
N HIS A 570 -1.10 10.52 -6.55
CA HIS A 570 0.26 10.96 -6.83
C HIS A 570 1.28 10.76 -5.71
N TRP A 571 0.86 10.35 -4.51
CA TRP A 571 1.78 10.30 -3.38
C TRP A 571 3.07 9.54 -3.69
N ASP A 572 3.02 8.59 -4.62
CA ASP A 572 4.16 7.78 -4.96
C ASP A 572 4.64 8.09 -6.38
N GLN A 573 4.41 9.31 -6.87
CA GLN A 573 4.75 9.62 -8.25
C GLN A 573 6.25 9.54 -8.51
N ASP A 574 7.07 9.59 -7.46
CA ASP A 574 8.53 9.61 -7.56
C ASP A 574 9.18 8.26 -7.28
N ASP A 575 8.44 7.16 -7.47
CA ASP A 575 9.00 5.83 -7.14
C ASP A 575 9.71 5.20 -8.32
N ASP A 576 9.62 5.75 -9.53
CA ASP A 576 10.42 5.16 -10.64
C ASP A 576 11.88 5.55 -10.49
N PHE A 577 12.16 6.65 -9.81
CA PHE A 577 13.52 7.20 -9.69
C PHE A 577 14.23 6.66 -8.46
N GLU A 578 13.67 5.64 -7.83
CA GLU A 578 14.23 5.01 -6.63
C GLU A 578 15.66 4.58 -6.95
N PHE A 579 16.57 4.86 -6.03
CA PHE A 579 17.98 4.47 -6.23
C PHE A 579 18.13 2.99 -5.93
N THR A 580 19.20 2.37 -6.40
CA THR A 580 19.39 0.95 -6.09
C THR A 580 20.44 0.83 -5.00
N GLY A 581 20.33 -0.21 -4.20
CA GLY A 581 21.33 -0.41 -3.14
C GLY A 581 20.69 -0.36 -1.78
N SER A 582 21.48 -0.66 -0.76
CA SER A 582 20.94 -0.64 0.61
C SER A 582 20.95 0.78 1.13
N HIS A 583 20.19 1.03 2.18
CA HIS A 583 20.12 2.36 2.76
C HIS A 583 21.23 2.48 3.79
N LEU A 584 21.74 3.70 3.97
CA LEU A 584 22.92 3.87 4.79
C LEU A 584 22.66 4.95 5.81
N THR A 585 23.52 5.02 6.81
CA THR A 585 23.49 6.12 7.75
C THR A 585 24.89 6.70 7.83
N VAL A 586 24.95 7.94 8.29
CA VAL A 586 26.20 8.68 8.35
C VAL A 586 26.64 8.59 9.80
N ARG A 587 27.53 7.64 10.06
CA ARG A 587 27.84 7.33 11.44
C ARG A 587 28.49 8.53 12.13
N ASN A 588 29.18 9.40 11.37
CA ASN A 588 29.83 10.55 11.99
C ASN A 588 29.00 11.83 11.91
N GLY A 589 27.71 11.72 11.62
CA GLY A 589 26.84 12.89 11.62
C GLY A 589 26.78 13.55 10.27
N TYR A 590 25.57 13.72 9.75
CA TYR A 590 25.39 14.16 8.36
C TYR A 590 25.69 15.64 8.19
N SER A 591 25.84 16.39 9.28
CA SER A 591 26.29 17.78 9.18
C SER A 591 27.67 17.88 8.57
N CYS A 592 28.47 16.81 8.65
CA CYS A 592 29.81 16.85 8.09
C CYS A 592 29.82 17.29 6.63
N VAL A 593 28.68 17.17 5.93
CA VAL A 593 28.60 17.45 4.50
C VAL A 593 28.33 18.92 4.22
N PRO A 594 27.27 19.52 4.75
CA PRO A 594 27.11 20.97 4.60
C PRO A 594 28.37 21.68 5.05
N VAL A 595 28.85 21.34 6.23
CA VAL A 595 30.05 22.00 6.71
C VAL A 595 31.17 21.89 5.68
N ALA A 596 31.26 20.74 5.03
CA ALA A 596 32.26 20.56 3.98
C ALA A 596 31.98 21.50 2.80
N LEU A 597 30.71 21.58 2.39
CA LEU A 597 30.36 22.41 1.25
C LEU A 597 30.59 23.88 1.56
N ALA A 598 30.26 24.31 2.78
CA ALA A 598 30.37 25.73 3.13
C ALA A 598 31.79 26.25 3.03
N GLU A 599 32.80 25.37 3.19
CA GLU A 599 34.17 25.77 2.96
C GLU A 599 34.31 26.65 1.72
N GLY A 600 35.02 27.76 1.90
CA GLY A 600 35.35 28.64 0.82
C GLY A 600 34.26 29.60 0.38
N LEU A 601 33.12 29.62 1.05
CA LEU A 601 31.98 30.39 0.60
C LEU A 601 31.69 31.55 1.54
N ASP A 602 31.03 32.56 0.98
CA ASP A 602 30.68 33.78 1.74
C ASP A 602 29.32 33.59 2.38
N ILE A 603 29.32 33.31 3.67
CA ILE A 603 28.11 32.96 4.37
C ILE A 603 27.92 33.94 5.52
N LYS A 604 26.81 34.64 5.50
CA LYS A 604 26.44 35.55 6.57
C LYS A 604 25.48 34.82 7.48
N LEU A 605 25.96 34.38 8.64
CA LEU A 605 25.08 33.70 9.58
C LEU A 605 24.36 34.71 10.45
N ASN A 606 23.27 34.27 11.05
CA ASN A 606 22.46 35.11 11.92
C ASN A 606 21.89 36.30 11.14
N THR A 607 21.49 36.02 9.91
CA THR A 607 21.07 37.02 8.94
C THR A 607 19.71 36.57 8.43
N ALA A 608 18.63 37.12 8.96
CA ALA A 608 17.31 36.65 8.51
C ALA A 608 16.76 37.55 7.42
N VAL A 609 16.52 37.01 6.24
CA VAL A 609 15.97 37.87 5.17
C VAL A 609 14.55 38.26 5.57
N ARG A 610 14.16 39.50 5.39
CA ARG A 610 12.81 39.91 5.81
C ARG A 610 12.06 40.35 4.56
N GLN A 611 12.75 40.67 3.48
CA GLN A 611 12.05 41.19 2.28
C GLN A 611 12.90 41.00 1.03
N VAL A 612 12.28 40.59 -0.08
CA VAL A 612 13.02 40.35 -1.36
C VAL A 612 12.48 41.31 -2.40
N ARG A 613 13.34 42.16 -2.93
CA ARG A 613 12.94 43.16 -3.92
C ARG A 613 13.64 42.85 -5.22
N TYR A 614 12.87 42.54 -6.26
CA TYR A 614 13.45 42.20 -7.58
C TYR A 614 12.85 43.15 -8.61
N THR A 615 13.70 43.88 -9.32
CA THR A 615 13.18 44.82 -10.34
C THR A 615 13.84 44.53 -11.67
N ALA A 616 13.30 45.13 -12.73
CA ALA A 616 13.83 44.90 -14.06
C ALA A 616 15.34 45.10 -14.15
N SER A 617 15.91 45.89 -13.25
CA SER A 617 17.34 46.22 -13.32
C SER A 617 18.19 45.48 -12.31
N GLY A 618 17.58 44.69 -11.45
CA GLY A 618 18.30 43.94 -10.43
C GLY A 618 17.45 43.79 -9.18
N CYS A 619 18.13 43.41 -8.10
CA CYS A 619 17.43 42.98 -6.89
C CYS A 619 18.15 43.54 -5.69
N GLU A 620 17.39 43.77 -4.63
CA GLU A 620 17.99 44.01 -3.32
C GLU A 620 17.26 43.17 -2.29
N VAL A 621 18.02 42.62 -1.34
CA VAL A 621 17.48 41.75 -0.30
C VAL A 621 17.69 42.48 1.02
N ILE A 622 16.61 42.59 1.81
CA ILE A 622 16.68 43.25 3.11
C ILE A 622 16.67 42.16 4.18
N ALA A 623 17.71 42.12 5.00
CA ALA A 623 17.82 41.14 6.08
C ALA A 623 18.15 41.83 7.41
N VAL A 624 17.92 41.13 8.53
CA VAL A 624 18.21 41.67 9.86
C VAL A 624 19.19 40.74 10.56
N ASN A 625 19.72 41.20 11.70
CA ASN A 625 20.48 40.37 12.62
C ASN A 625 19.53 39.63 13.55
N THR A 626 19.62 38.31 13.57
CA THR A 626 18.69 37.54 14.39
C THR A 626 18.85 37.83 15.89
N ARG A 627 20.07 38.12 16.30
CA ARG A 627 20.32 38.45 17.72
C ARG A 627 19.56 39.73 18.03
N SER A 628 19.98 40.83 17.44
CA SER A 628 19.29 42.14 17.61
C SER A 628 18.57 42.39 16.30
N THR A 629 17.25 42.55 16.31
CA THR A 629 16.50 42.69 15.04
C THR A 629 16.48 44.13 14.52
N SER A 630 17.25 45.04 15.07
CA SER A 630 17.22 46.43 14.57
C SER A 630 18.37 46.59 13.60
N GLN A 631 19.46 45.87 13.82
CA GLN A 631 20.59 45.95 12.86
C GLN A 631 20.03 45.48 11.52
N THR A 632 20.10 46.32 10.50
CA THR A 632 19.41 46.05 9.23
C THR A 632 20.41 46.07 8.09
N PHE A 633 20.23 45.14 7.14
CA PHE A 633 21.18 44.95 6.05
C PHE A 633 20.51 45.03 4.67
N ILE A 634 21.20 45.66 3.75
CA ILE A 634 20.72 45.82 2.39
C ILE A 634 21.72 45.13 1.46
N TYR A 635 21.21 44.22 0.63
CA TYR A 635 22.06 43.48 -0.30
C TYR A 635 21.53 43.68 -1.71
N LYS A 636 22.33 44.32 -2.56
CA LYS A 636 21.99 44.56 -3.95
C LYS A 636 22.63 43.46 -4.80
N CYS A 637 21.96 43.04 -5.87
CA CYS A 637 22.50 41.93 -6.66
C CYS A 637 21.76 41.77 -7.99
N ASP A 638 22.37 40.99 -8.87
CA ASP A 638 21.78 40.72 -10.19
C ASP A 638 20.66 39.69 -10.13
N ALA A 639 20.73 38.74 -9.20
CA ALA A 639 19.74 37.68 -9.09
C ALA A 639 19.75 37.12 -7.68
N VAL A 640 18.58 36.66 -7.25
CA VAL A 640 18.39 36.03 -5.95
C VAL A 640 18.02 34.56 -6.16
N LEU A 641 18.66 33.67 -5.41
CA LEU A 641 18.32 32.25 -5.38
C LEU A 641 17.68 31.97 -4.04
N CYS A 642 16.40 31.67 -4.06
CA CYS A 642 15.62 31.35 -2.86
C CYS A 642 15.66 29.84 -2.56
N THR A 643 16.28 29.43 -1.45
CA THR A 643 16.13 28.06 -0.98
C THR A 643 15.32 28.01 0.32
N LEU A 644 14.51 29.03 0.57
CA LEU A 644 13.60 29.06 1.69
C LEU A 644 12.77 27.77 1.73
N PRO A 645 12.78 27.05 2.83
CA PRO A 645 11.88 25.90 2.99
C PRO A 645 10.44 26.23 2.60
N LEU A 646 9.74 25.22 2.09
CA LEU A 646 8.35 25.42 1.68
C LEU A 646 7.46 25.84 2.85
N GLY A 647 7.76 25.39 4.07
CA GLY A 647 6.97 25.82 5.21
C GLY A 647 7.12 27.28 5.51
N VAL A 648 8.35 27.79 5.34
CA VAL A 648 8.61 29.22 5.44
C VAL A 648 7.81 29.97 4.38
N LEU A 649 7.88 29.51 3.13
CA LEU A 649 7.14 30.15 2.04
C LEU A 649 5.64 30.07 2.26
N LYS A 650 5.19 29.14 3.10
CA LYS A 650 3.76 28.93 3.29
C LYS A 650 3.19 29.85 4.37
N GLN A 651 4.08 30.43 5.16
CA GLN A 651 3.73 31.07 6.43
C GLN A 651 2.83 32.28 6.20
N GLN A 652 1.71 32.32 6.93
CA GLN A 652 0.81 33.47 7.03
C GLN A 652 0.77 33.91 8.49
N PRO A 653 1.14 35.18 8.80
CA PRO A 653 1.52 36.12 7.75
C PRO A 653 3.00 35.95 7.37
N PRO A 654 3.38 36.46 6.21
CA PRO A 654 4.68 36.11 5.63
C PRO A 654 5.86 36.40 6.55
N ALA A 655 6.75 35.42 6.68
CA ALA A 655 8.06 35.70 7.26
C ALA A 655 8.91 36.54 6.32
N VAL A 656 8.71 36.36 5.01
CA VAL A 656 9.47 37.07 3.98
C VAL A 656 8.50 37.66 2.97
N GLN A 657 8.67 38.93 2.68
CA GLN A 657 7.81 39.63 1.77
C GLN A 657 8.46 39.68 0.39
N PHE A 658 7.66 39.48 -0.64
CA PHE A 658 8.16 39.62 -1.99
C PHE A 658 7.64 40.91 -2.62
N VAL A 659 8.59 41.67 -3.17
CA VAL A 659 8.33 42.96 -3.76
C VAL A 659 8.87 42.93 -5.18
N PRO A 660 8.01 42.79 -6.19
CA PRO A 660 6.54 42.68 -6.09
C PRO A 660 6.07 41.32 -5.59
N PRO A 661 4.80 41.20 -5.19
CA PRO A 661 4.33 39.89 -4.72
C PRO A 661 4.55 38.84 -5.80
N LEU A 662 4.79 37.62 -5.33
CA LEU A 662 4.89 36.48 -6.21
C LEU A 662 3.58 36.33 -7.00
N PRO A 663 3.65 35.96 -8.27
CA PRO A 663 2.42 35.79 -9.07
C PRO A 663 1.56 34.67 -8.52
N GLU A 664 0.27 34.73 -8.84
CA GLU A 664 -0.66 33.75 -8.28
C GLU A 664 -0.27 32.32 -8.65
N TRP A 665 0.19 32.10 -9.88
CA TRP A 665 0.54 30.74 -10.24
C TRP A 665 1.57 30.16 -9.29
N LYS A 666 2.47 30.98 -8.75
CA LYS A 666 3.45 30.46 -7.81
C LYS A 666 2.87 30.35 -6.41
N THR A 667 2.07 31.32 -5.97
CA THR A 667 1.55 31.23 -4.61
C THR A 667 0.53 30.10 -4.50
N SER A 668 -0.23 29.85 -5.57
CA SER A 668 -1.21 28.76 -5.56
C SER A 668 -0.51 27.42 -5.43
N ALA A 669 0.57 27.22 -6.15
CA ALA A 669 1.34 26.01 -5.95
C ALA A 669 1.86 25.92 -4.53
N VAL A 670 2.21 27.06 -3.93
CA VAL A 670 2.70 27.00 -2.56
C VAL A 670 1.60 26.55 -1.61
N GLN A 671 0.37 27.04 -1.79
CA GLN A 671 -0.71 26.57 -0.94
C GLN A 671 -0.94 25.09 -1.20
N ARG A 672 -1.38 24.74 -2.40
CA ARG A 672 -1.63 23.36 -2.85
C ARG A 672 -0.63 22.31 -2.37
N MET A 673 0.67 22.62 -2.39
CA MET A 673 1.63 21.58 -2.04
C MET A 673 1.51 21.19 -0.57
N GLY A 674 2.26 20.19 -0.19
CA GLY A 674 2.19 19.74 1.17
C GLY A 674 3.53 19.84 1.84
N PHE A 675 3.53 20.35 3.06
CA PHE A 675 4.74 20.40 3.87
C PHE A 675 4.35 19.76 5.18
N GLY A 676 4.92 18.60 5.46
CA GLY A 676 4.58 17.86 6.65
C GLY A 676 5.61 17.96 7.75
N ASN A 677 5.63 16.94 8.59
CA ASN A 677 6.25 17.02 9.91
C ASN A 677 6.58 15.61 10.40
N LEU A 678 7.80 15.42 10.88
CA LEU A 678 8.11 14.29 11.76
C LEU A 678 9.26 14.74 12.65
N ASN A 679 9.35 14.18 13.85
CA ASN A 679 10.32 14.64 14.85
C ASN A 679 11.09 13.47 15.43
N LYS A 680 12.17 13.78 16.14
CA LYS A 680 13.05 12.75 16.69
C LYS A 680 13.34 12.99 18.16
N VAL A 681 13.44 11.91 18.94
CA VAL A 681 13.92 11.98 20.31
C VAL A 681 15.24 11.23 20.38
N VAL A 682 16.27 11.91 20.85
CA VAL A 682 17.62 11.35 20.93
C VAL A 682 17.87 10.97 22.38
N LEU A 683 18.18 9.69 22.60
CA LEU A 683 18.39 9.11 23.92
C LEU A 683 19.84 8.69 24.03
N CYS A 684 20.57 9.39 24.91
CA CYS A 684 21.99 9.16 25.11
C CYS A 684 22.20 8.42 26.42
N PHE A 685 22.73 7.21 26.32
CA PHE A 685 22.95 6.36 27.47
C PHE A 685 24.43 6.11 27.65
N ASP A 686 24.75 5.51 28.80
CA ASP A 686 26.09 5.04 29.09
C ASP A 686 26.25 3.52 28.96
N ARG A 687 25.16 2.72 28.98
CA ARG A 687 25.25 1.29 28.65
C ARG A 687 24.59 1.04 27.32
N VAL A 688 25.13 0.10 26.56
CA VAL A 688 24.40 -0.50 25.44
C VAL A 688 23.50 -1.58 26.05
N PHE A 689 22.17 -1.40 25.99
CA PHE A 689 21.26 -2.39 26.58
C PHE A 689 20.26 -2.99 25.61
N TRP A 690 20.41 -2.75 24.32
CA TRP A 690 19.53 -3.28 23.29
C TRP A 690 20.30 -4.31 22.49
N ASP A 691 19.65 -4.88 21.53
CA ASP A 691 20.38 -5.81 20.70
C ASP A 691 21.27 -5.04 19.72
N PRO A 692 22.60 -5.15 19.84
CA PRO A 692 23.46 -4.37 18.93
C PRO A 692 23.40 -4.83 17.49
N SER A 693 23.06 -6.08 17.23
CA SER A 693 23.05 -6.58 15.86
C SER A 693 21.82 -6.17 15.07
N VAL A 694 20.83 -5.56 15.74
CA VAL A 694 19.65 -5.00 15.10
C VAL A 694 19.76 -3.48 15.10
N ASN A 695 19.48 -2.86 13.94
CA ASN A 695 19.62 -1.42 13.80
C ASN A 695 18.36 -0.65 14.19
N LEU A 696 17.19 -1.26 14.02
CA LEU A 696 15.93 -0.56 14.24
C LEU A 696 14.88 -1.54 14.72
N PHE A 697 13.99 -1.09 15.61
CA PHE A 697 12.94 -1.94 16.14
C PHE A 697 11.72 -1.10 16.47
N GLY A 698 10.54 -1.71 16.36
CA GLY A 698 9.29 -0.98 16.43
C GLY A 698 8.59 -1.10 17.77
N HIS A 699 7.67 -0.17 18.03
CA HIS A 699 6.74 -0.26 19.14
C HIS A 699 5.33 -0.11 18.60
N VAL A 700 4.46 -1.06 18.91
CA VAL A 700 3.11 -1.00 18.39
C VAL A 700 2.25 -0.21 19.36
N GLY A 701 1.41 0.65 18.82
CA GLY A 701 0.73 1.62 19.64
C GLY A 701 -0.56 1.09 20.17
N SER A 702 -1.18 1.89 21.05
CA SER A 702 -2.40 1.48 21.71
C SER A 702 -3.62 1.76 20.85
N THR A 703 -3.64 2.90 20.18
CA THR A 703 -4.80 3.31 19.43
C THR A 703 -4.37 3.60 18.01
N THR A 704 -5.35 3.82 17.15
CA THR A 704 -4.98 4.19 15.78
C THR A 704 -4.49 5.63 15.86
N ALA A 705 -5.10 6.41 16.73
CA ALA A 705 -4.75 7.83 16.89
C ALA A 705 -3.31 7.98 17.35
N SER A 706 -2.80 7.12 18.19
CA SER A 706 -1.42 7.35 18.63
C SER A 706 -0.45 6.46 17.86
N ARG A 707 -0.78 6.08 16.63
CA ARG A 707 0.10 5.12 15.94
C ARG A 707 1.52 5.64 15.76
N GLY A 708 1.71 6.92 15.49
CA GLY A 708 3.08 7.38 15.25
C GLY A 708 3.81 7.80 16.51
N GLU A 709 3.17 7.72 17.66
CA GLU A 709 3.88 8.25 18.84
C GLU A 709 4.97 7.28 19.26
N LEU A 710 6.20 7.64 19.00
CA LEU A 710 7.39 6.85 19.36
C LEU A 710 7.21 5.42 18.91
N PHE A 711 6.88 5.22 17.64
CA PHE A 711 6.64 3.86 17.13
C PHE A 711 7.91 3.23 16.58
N LEU A 712 9.05 3.91 16.58
CA LEU A 712 10.25 3.24 16.00
C LEU A 712 11.53 3.75 16.66
N PHE A 713 12.54 2.90 16.83
CA PHE A 713 13.82 3.28 17.47
C PHE A 713 14.97 2.87 16.57
N TRP A 714 16.08 3.62 16.58
CA TRP A 714 17.22 3.39 15.69
C TRP A 714 18.51 3.28 16.49
N ASN A 715 19.28 2.22 16.26
CA ASN A 715 20.61 2.03 16.85
C ASN A 715 21.60 2.19 15.70
N LEU A 716 22.02 3.43 15.47
CA LEU A 716 22.79 3.70 14.27
C LEU A 716 24.25 3.97 14.56
N TYR A 717 24.55 4.34 15.80
CA TYR A 717 25.79 5.01 16.09
C TYR A 717 26.70 4.09 16.89
N LYS A 718 28.00 4.32 16.70
CA LYS A 718 29.03 3.64 17.47
C LYS A 718 28.77 3.80 18.97
N ALA A 719 28.43 5.03 19.39
CA ALA A 719 28.16 5.29 20.79
C ALA A 719 26.80 4.71 21.20
N PRO A 720 26.56 4.57 22.50
CA PRO A 720 25.25 4.11 22.97
C PRO A 720 24.15 5.16 22.82
N ILE A 721 23.68 5.35 21.59
CA ILE A 721 22.56 6.26 21.34
C ILE A 721 21.45 5.47 20.64
N LEU A 722 20.25 5.60 21.20
CA LEU A 722 19.01 5.19 20.57
C LEU A 722 18.21 6.43 20.17
N LEU A 723 17.46 6.30 19.09
CA LEU A 723 16.79 7.41 18.44
C LEU A 723 15.34 7.02 18.16
N ALA A 724 14.39 7.83 18.63
CA ALA A 724 12.97 7.50 18.59
C ALA A 724 12.19 8.45 17.67
N LEU A 725 11.29 7.90 16.85
CA LEU A 725 10.52 8.67 15.86
C LEU A 725 9.12 9.01 16.29
N VAL A 726 8.67 10.21 15.93
CA VAL A 726 7.29 10.64 16.15
C VAL A 726 6.70 11.02 14.81
N ALA A 727 5.82 10.18 14.26
CA ALA A 727 5.29 10.37 12.91
C ALA A 727 3.82 10.78 12.95
N GLY A 728 3.23 10.85 11.77
CA GLY A 728 1.80 11.01 11.57
C GLY A 728 1.21 12.14 12.39
N GLU A 729 -0.03 11.95 12.83
CA GLU A 729 -0.69 12.97 13.63
C GLU A 729 -0.02 13.17 14.98
N ALA A 730 0.73 12.18 15.46
CA ALA A 730 1.47 12.32 16.70
C ALA A 730 2.47 13.46 16.62
N ALA A 731 3.13 13.59 15.47
CA ALA A 731 4.22 14.56 15.27
C ALA A 731 3.84 15.93 15.78
N GLY A 732 2.72 16.45 15.25
CA GLY A 732 2.34 17.83 15.54
C GLY A 732 1.87 18.03 16.95
N ILE A 733 1.39 16.96 17.59
CA ILE A 733 0.83 17.05 18.93
C ILE A 733 1.90 16.90 20.00
N MET A 734 2.90 16.06 19.77
CA MET A 734 3.99 15.94 20.73
C MET A 734 4.81 17.21 20.86
N GLU A 735 4.66 18.13 19.93
CA GLU A 735 5.49 19.36 19.93
C GLU A 735 5.07 20.28 21.06
N ASN A 736 3.85 20.13 21.54
CA ASN A 736 3.28 20.96 22.63
C ASN A 736 3.42 20.22 23.95
N ILE A 737 4.33 19.28 24.01
CA ILE A 737 4.51 18.44 25.23
C ILE A 737 5.92 18.62 25.75
N SER A 738 6.03 18.80 27.05
CA SER A 738 7.31 18.96 27.78
C SER A 738 8.32 17.91 27.35
N ASP A 739 9.55 18.34 27.12
CA ASP A 739 10.66 17.45 26.71
C ASP A 739 10.75 16.31 27.71
N ASP A 740 10.58 16.62 28.98
CA ASP A 740 10.79 15.53 29.97
C ASP A 740 9.68 14.50 29.87
N VAL A 741 8.44 14.93 29.71
CA VAL A 741 7.33 13.96 29.57
C VAL A 741 7.66 13.03 28.42
N ILE A 742 8.09 13.58 27.30
CA ILE A 742 8.38 12.76 26.13
C ILE A 742 9.47 11.75 26.45
N VAL A 743 10.53 12.22 27.07
CA VAL A 743 11.62 11.27 27.41
C VAL A 743 11.04 10.21 28.34
N GLY A 744 10.14 10.61 29.22
CA GLY A 744 9.51 9.64 30.13
C GLY A 744 8.82 8.55 29.35
N ARG A 745 7.98 8.90 28.39
CA ARG A 745 7.27 7.88 27.59
C ARG A 745 8.27 6.97 26.90
N CYS A 746 9.36 7.49 26.35
CA CYS A 746 10.36 6.61 25.71
C CYS A 746 10.86 5.60 26.71
N LEU A 747 11.22 6.07 27.88
CA LEU A 747 11.74 5.16 28.92
C LEU A 747 10.72 4.07 29.19
N ALA A 748 9.47 4.47 29.41
CA ALA A 748 8.41 3.49 29.67
C ALA A 748 8.40 2.44 28.58
N ILE A 749 8.30 2.89 27.34
CA ILE A 749 8.21 1.95 26.19
C ILE A 749 9.41 1.02 26.22
N LEU A 750 10.55 1.55 26.56
CA LEU A 750 11.78 0.78 26.54
C LEU A 750 11.87 -0.16 27.74
N LYS A 751 11.35 0.27 28.90
CA LYS A 751 11.17 -0.64 30.04
C LYS A 751 10.33 -1.84 29.64
N GLY A 752 9.13 -1.59 29.08
CA GLY A 752 8.29 -2.67 28.60
C GLY A 752 9.01 -3.66 27.71
N ILE A 753 9.86 -3.18 26.80
CA ILE A 753 10.63 -4.10 25.98
C ILE A 753 11.69 -4.80 26.80
N PHE A 754 12.61 -4.03 27.37
CA PHE A 754 13.85 -4.61 27.86
C PHE A 754 13.84 -4.89 29.35
N GLY A 755 12.73 -4.61 30.04
CA GLY A 755 12.67 -4.81 31.47
C GLY A 755 13.01 -3.56 32.24
N SER A 756 12.28 -3.28 33.33
CA SER A 756 12.45 -2.04 34.07
C SER A 756 13.85 -1.89 34.67
N SER A 757 14.61 -2.98 34.75
CA SER A 757 15.97 -2.95 35.32
C SER A 757 17.04 -2.55 34.34
N ALA A 758 16.92 -2.97 33.07
CA ALA A 758 18.02 -2.86 32.11
C ALA A 758 18.14 -1.48 31.46
N VAL A 759 17.22 -0.55 31.72
CA VAL A 759 17.13 0.70 30.99
C VAL A 759 17.51 1.88 31.89
N PRO A 760 18.75 2.40 31.77
CA PRO A 760 19.24 3.43 32.71
C PRO A 760 18.55 4.77 32.52
N GLN A 761 18.87 5.76 33.34
CA GLN A 761 18.49 7.11 32.95
C GLN A 761 19.42 7.59 31.83
N PRO A 762 18.89 8.33 30.86
CA PRO A 762 19.73 8.80 29.75
C PRO A 762 20.62 9.95 30.18
N LYS A 763 21.86 9.93 29.68
CA LYS A 763 22.81 10.98 30.03
C LYS A 763 22.44 12.32 29.39
N GLU A 764 22.02 12.28 28.12
CA GLU A 764 21.68 13.47 27.35
C GLU A 764 20.43 13.20 26.54
N THR A 765 19.48 14.13 26.57
CA THR A 765 18.24 13.98 25.82
C THR A 765 17.91 15.24 25.03
N VAL A 766 17.42 15.02 23.81
CA VAL A 766 17.15 16.05 22.82
C VAL A 766 15.87 15.68 22.08
N VAL A 767 14.99 16.66 21.90
CA VAL A 767 13.76 16.44 21.16
C VAL A 767 13.68 17.49 20.06
N SER A 768 13.41 17.07 18.83
CA SER A 768 13.18 18.03 17.76
C SER A 768 11.74 18.51 17.79
N ARG A 769 11.54 19.73 17.30
CA ARG A 769 10.21 20.33 17.11
C ARG A 769 10.34 21.12 15.80
N TRP A 770 10.27 20.39 14.68
CA TRP A 770 10.57 20.98 13.38
C TRP A 770 9.45 21.88 12.91
N ARG A 771 8.22 21.56 13.26
CA ARG A 771 7.13 22.46 12.84
C ARG A 771 7.27 23.76 13.61
N ALA A 772 7.80 23.64 14.81
CA ALA A 772 8.01 24.81 15.69
C ALA A 772 9.11 25.70 15.14
N ASP A 773 10.15 25.10 14.60
CA ASP A 773 11.30 25.91 14.14
C ASP A 773 10.82 26.88 13.09
N PRO A 774 11.15 28.18 13.19
CA PRO A 774 10.63 29.15 12.25
C PRO A 774 11.48 29.25 10.98
N TRP A 775 12.60 28.56 10.96
CA TRP A 775 13.48 28.52 9.77
C TRP A 775 13.16 27.29 8.95
N ALA A 776 12.13 26.55 9.34
CA ALA A 776 11.70 25.34 8.62
C ALA A 776 10.19 25.32 8.53
N ARG A 777 9.50 25.34 9.67
CA ARG A 777 8.03 25.20 9.82
C ARG A 777 7.58 23.86 9.27
N GLY A 778 8.38 22.82 9.45
CA GLY A 778 8.07 21.47 8.93
C GLY A 778 9.33 20.67 8.69
N SER A 779 9.21 19.44 8.23
CA SER A 779 10.41 18.63 8.00
C SER A 779 10.66 18.53 6.50
N TYR A 780 9.68 18.04 5.77
CA TYR A 780 9.84 17.99 4.31
C TYR A 780 8.48 18.01 3.63
N SER A 781 8.50 17.94 2.32
CA SER A 781 7.27 18.12 1.58
C SER A 781 6.67 16.78 1.22
N TYR A 782 5.44 16.84 0.74
CA TYR A 782 4.72 15.65 0.36
C TYR A 782 3.74 16.07 -0.71
N VAL A 783 3.19 15.08 -1.41
CA VAL A 783 2.26 15.37 -2.50
C VAL A 783 0.89 15.39 -1.86
N ALA A 784 0.45 16.58 -1.46
CA ALA A 784 -0.85 16.72 -0.84
C ALA A 784 -1.92 16.29 -1.80
N ALA A 785 -3.05 15.86 -1.26
CA ALA A 785 -4.21 15.62 -2.11
C ALA A 785 -4.61 16.93 -2.79
N GLY A 786 -5.01 16.83 -4.06
CA GLY A 786 -5.21 18.01 -4.88
C GLY A 786 -3.95 18.64 -5.43
N SER A 787 -2.77 18.17 -5.00
CA SER A 787 -1.48 18.54 -5.55
C SER A 787 -1.03 17.41 -6.46
N SER A 788 -0.05 17.70 -7.30
CA SER A 788 0.56 16.69 -8.14
C SER A 788 2.04 17.01 -8.24
N GLY A 789 2.80 16.09 -8.83
CA GLY A 789 4.22 16.38 -9.02
C GLY A 789 4.48 17.56 -9.93
N ASN A 790 3.43 18.03 -10.60
CA ASN A 790 3.51 19.16 -11.52
C ASN A 790 3.67 20.48 -10.74
N ASP A 791 3.08 20.56 -9.54
CA ASP A 791 3.35 21.68 -8.63
C ASP A 791 4.84 21.82 -8.34
N TYR A 792 5.54 20.70 -8.20
CA TYR A 792 6.98 20.77 -7.97
C TYR A 792 7.70 21.48 -9.13
N ASP A 793 7.14 21.41 -10.33
CA ASP A 793 7.80 22.08 -11.44
C ASP A 793 7.51 23.56 -11.41
N LEU A 794 6.26 23.95 -11.16
CA LEU A 794 5.96 25.33 -10.85
C LEU A 794 6.91 25.90 -9.80
N MET A 795 7.09 25.19 -8.68
CA MET A 795 7.99 25.69 -7.64
C MET A 795 9.38 26.05 -8.14
N ALA A 796 9.80 25.57 -9.29
CA ALA A 796 11.19 25.84 -9.67
C ALA A 796 11.26 26.87 -10.77
N GLN A 797 10.19 27.03 -11.51
CA GLN A 797 10.12 28.00 -12.61
C GLN A 797 10.48 29.35 -12.02
N PRO A 798 11.47 30.08 -12.54
CA PRO A 798 11.91 31.32 -11.94
C PRO A 798 10.99 32.51 -12.22
N ILE A 799 11.22 33.64 -11.56
CA ILE A 799 10.32 34.80 -11.74
C ILE A 799 10.99 35.93 -12.52
N THR A 800 10.26 36.50 -13.45
CA THR A 800 10.78 37.60 -14.26
C THR A 800 9.99 38.86 -13.94
N PRO A 801 10.64 39.89 -13.40
CA PRO A 801 9.94 41.15 -13.09
C PRO A 801 9.46 41.83 -14.35
N GLY A 802 8.45 42.69 -14.19
CA GLY A 802 7.97 43.52 -15.29
C GLY A 802 8.95 44.64 -15.62
N PRO A 803 8.77 45.27 -16.78
CA PRO A 803 9.70 46.35 -17.16
C PRO A 803 9.59 47.56 -16.25
N SER A 804 10.74 48.20 -15.99
CA SER A 804 10.72 49.46 -15.21
C SER A 804 10.06 50.57 -16.01
N ILE A 805 10.63 50.95 -17.15
CA ILE A 805 10.03 51.88 -18.08
C ILE A 805 9.01 51.12 -18.91
N PRO A 806 7.72 51.47 -18.88
CA PRO A 806 6.74 50.78 -19.72
C PRO A 806 7.10 50.87 -21.21
N GLY A 807 6.91 49.73 -21.90
CA GLY A 807 7.31 49.61 -23.29
C GLY A 807 8.78 49.33 -23.51
N ALA A 808 9.53 49.03 -22.47
CA ALA A 808 10.90 48.60 -22.60
C ALA A 808 10.95 47.08 -22.73
N PRO A 809 12.04 46.52 -23.25
CA PRO A 809 12.01 45.11 -23.64
C PRO A 809 11.86 44.23 -22.41
N GLN A 810 11.37 43.03 -22.69
CA GLN A 810 11.09 41.99 -21.68
C GLN A 810 12.38 41.65 -20.98
N PRO A 811 12.45 41.88 -19.66
CA PRO A 811 13.66 41.64 -18.93
C PRO A 811 13.97 40.17 -18.66
N ILE A 812 15.16 39.99 -18.10
CA ILE A 812 15.81 38.75 -17.62
C ILE A 812 15.08 38.26 -16.38
N PRO A 813 15.04 36.96 -16.06
CA PRO A 813 14.45 36.49 -14.84
C PRO A 813 15.42 36.85 -13.71
N ARG A 814 14.92 37.17 -12.52
CA ARG A 814 15.82 37.61 -11.44
C ARG A 814 15.65 36.78 -10.18
N LEU A 815 14.52 36.14 -10.00
CA LEU A 815 14.25 35.35 -8.81
C LEU A 815 14.22 33.87 -9.17
N PHE A 816 15.12 33.09 -8.56
CA PHE A 816 15.28 31.66 -8.80
C PHE A 816 15.04 30.86 -7.51
N PHE A 817 14.54 29.63 -7.66
CA PHE A 817 14.09 28.83 -6.51
C PHE A 817 14.74 27.45 -6.51
N ALA A 818 15.33 27.09 -5.39
CA ALA A 818 15.91 25.75 -5.25
C ALA A 818 15.49 25.14 -3.93
N GLY A 819 15.94 23.94 -3.63
CA GLY A 819 15.55 23.29 -2.37
C GLY A 819 14.71 22.05 -2.59
N GLU A 820 14.53 21.23 -1.59
CA GLU A 820 13.74 19.98 -1.68
C GLU A 820 12.40 20.14 -2.38
N HIS A 821 11.63 21.18 -2.12
CA HIS A 821 10.27 21.20 -2.70
C HIS A 821 10.31 21.58 -4.16
N THR A 822 11.48 21.64 -4.78
CA THR A 822 11.50 22.13 -6.16
C THR A 822 11.85 21.08 -7.20
N ILE A 823 12.24 19.88 -6.76
CA ILE A 823 12.77 18.87 -7.65
C ILE A 823 11.74 17.73 -7.70
N ARG A 824 10.97 17.71 -8.81
CA ARG A 824 9.85 16.77 -9.01
C ARG A 824 10.24 15.33 -8.75
N ASN A 825 11.34 14.89 -9.32
CA ASN A 825 11.67 13.48 -9.30
C ASN A 825 12.43 13.06 -8.06
N TYR A 826 12.84 14.02 -7.20
CA TYR A 826 13.51 13.59 -5.98
C TYR A 826 13.16 14.46 -4.79
N PRO A 827 11.87 14.68 -4.50
CA PRO A 827 11.52 15.62 -3.44
C PRO A 827 11.93 15.09 -2.08
N ALA A 828 11.83 15.99 -1.11
CA ALA A 828 11.84 15.64 0.30
C ALA A 828 13.08 14.84 0.69
N THR A 829 14.18 15.05 -0.02
CA THR A 829 15.40 14.35 0.35
C THR A 829 16.56 15.33 0.34
N VAL A 830 17.71 14.86 0.81
CA VAL A 830 18.93 15.64 0.67
C VAL A 830 19.46 15.56 -0.74
N HIS A 831 19.52 14.37 -1.32
CA HIS A 831 20.03 14.32 -2.68
C HIS A 831 19.17 15.18 -3.59
N GLY A 832 17.88 15.31 -3.31
CA GLY A 832 17.03 16.13 -4.15
C GLY A 832 17.32 17.61 -3.97
N ALA A 833 17.58 18.02 -2.73
CA ALA A 833 17.98 19.39 -2.46
C ALA A 833 19.21 19.72 -3.27
N LEU A 834 20.28 18.98 -3.02
CA LEU A 834 21.50 19.11 -3.79
C LEU A 834 21.19 19.26 -5.27
N LEU A 835 20.47 18.32 -5.82
CA LEU A 835 20.25 18.36 -7.27
C LEU A 835 19.57 19.65 -7.70
N SER A 836 18.62 20.16 -6.90
CA SER A 836 17.99 21.42 -7.29
C SER A 836 18.99 22.57 -7.21
N GLY A 837 19.90 22.51 -6.23
CA GLY A 837 20.95 23.52 -6.17
C GLY A 837 21.87 23.47 -7.38
N LEU A 838 22.31 22.27 -7.75
CA LEU A 838 23.12 22.14 -8.96
C LEU A 838 22.35 22.68 -10.15
N ARG A 839 21.04 22.42 -10.15
CA ARG A 839 20.21 22.82 -11.27
C ARG A 839 20.15 24.32 -11.40
N GLU A 840 19.82 25.02 -10.34
CA GLU A 840 19.70 26.49 -10.45
C GLU A 840 21.05 27.12 -10.75
N ALA A 841 22.13 26.54 -10.29
CA ALA A 841 23.41 27.18 -10.62
C ALA A 841 23.62 27.11 -12.11
N GLY A 842 23.32 25.99 -12.73
CA GLY A 842 23.45 25.96 -14.19
C GLY A 842 22.57 26.97 -14.87
N ARG A 843 21.30 27.10 -14.50
CA ARG A 843 20.50 28.05 -15.28
C ARG A 843 20.87 29.48 -14.92
N ILE A 844 21.33 29.73 -13.71
CA ILE A 844 21.69 31.15 -13.44
C ILE A 844 22.91 31.49 -14.29
N ALA A 845 23.87 30.58 -14.38
CA ALA A 845 25.04 30.90 -15.20
C ALA A 845 24.61 31.07 -16.64
N ASP A 846 23.87 30.12 -17.16
CA ASP A 846 23.43 30.18 -18.57
C ASP A 846 22.71 31.51 -18.85
N GLN A 847 22.15 32.10 -17.81
CA GLN A 847 21.42 33.35 -17.95
C GLN A 847 22.36 34.55 -17.90
N PHE A 848 23.33 34.52 -17.00
CA PHE A 848 24.13 35.69 -16.69
C PHE A 848 25.53 35.60 -17.24
N LEU A 849 25.94 34.45 -17.74
CA LEU A 849 27.23 34.28 -18.37
C LEU A 849 27.13 33.74 -19.78
N GLY A 850 25.92 33.43 -20.25
CA GLY A 850 25.72 32.85 -21.55
C GLY A 850 26.14 31.38 -21.66
N ALA A 851 25.43 30.65 -22.50
CA ALA A 851 25.68 29.23 -22.73
C ALA A 851 26.35 29.09 -24.11
N MET A 852 27.68 29.13 -24.11
CA MET A 852 28.42 29.10 -25.36
C MET A 852 28.37 27.74 -26.06
N TYR A 853 27.87 26.70 -25.37
CA TYR A 853 27.82 25.32 -25.83
C TYR A 853 26.55 24.98 -26.65
N THR A 854 25.78 25.99 -27.06
CA THR A 854 24.52 25.76 -27.77
C THR A 854 24.66 25.96 -29.28
N LEU A 855 25.70 26.66 -29.74
CA LEU A 855 26.00 26.84 -31.17
C LEU A 855 26.30 25.50 -31.87
N ARG B 12 -4.93 -4.70 -14.70
CA ARG B 12 -6.25 -5.16 -15.12
C ARG B 12 -7.09 -5.55 -13.90
N LYS B 13 -6.48 -6.21 -12.91
CA LYS B 13 -7.27 -6.89 -11.88
C LYS B 13 -6.66 -6.71 -10.49
N PRO B 14 -7.49 -6.72 -9.44
CA PRO B 14 -7.00 -6.41 -8.08
C PRO B 14 -6.07 -7.48 -7.56
N PRO B 15 -5.38 -7.30 -6.43
CA PRO B 15 -4.68 -8.43 -5.85
C PRO B 15 -5.72 -9.46 -5.43
N LYS B 16 -5.30 -10.72 -5.37
CA LYS B 16 -6.28 -11.79 -5.20
C LYS B 16 -6.81 -11.81 -3.77
N GLY B 17 -8.09 -12.12 -3.62
CA GLY B 17 -8.77 -12.07 -2.33
C GLY B 17 -9.32 -10.71 -1.95
N MET B 18 -8.71 -9.62 -2.45
CA MET B 18 -9.30 -8.30 -2.31
C MET B 18 -10.54 -8.20 -3.20
N PHE B 19 -11.62 -7.67 -2.65
CA PHE B 19 -12.88 -7.60 -3.37
C PHE B 19 -13.25 -6.15 -3.58
N LEU B 20 -13.34 -5.75 -4.86
CA LEU B 20 -13.38 -4.33 -5.22
C LEU B 20 -14.10 -4.26 -6.56
N SER B 21 -15.43 -4.24 -6.51
CA SER B 21 -16.22 -4.04 -7.71
C SER B 21 -16.73 -2.61 -7.71
N GLN B 22 -16.77 -2.02 -8.91
CA GLN B 22 -17.32 -0.68 -9.06
C GLN B 22 -18.58 -0.50 -8.22
N GLU B 23 -19.52 -1.44 -8.39
CA GLU B 23 -20.79 -1.43 -7.67
C GLU B 23 -20.57 -1.29 -6.17
N ASP B 24 -19.60 -2.03 -5.64
CA ASP B 24 -19.36 -2.12 -4.20
C ASP B 24 -18.80 -0.82 -3.67
N VAL B 25 -17.83 -0.26 -4.40
CA VAL B 25 -17.09 0.89 -3.90
C VAL B 25 -18.05 2.06 -3.74
N GLU B 26 -18.91 2.25 -4.74
CA GLU B 26 -19.93 3.30 -4.75
C GLU B 26 -20.84 3.24 -3.52
N ALA B 27 -21.33 2.04 -3.20
CA ALA B 27 -22.29 1.87 -2.11
C ALA B 27 -21.68 2.14 -0.74
N VAL B 28 -20.36 2.26 -0.65
CA VAL B 28 -19.68 2.53 0.61
C VAL B 28 -19.24 3.97 0.72
N SER B 29 -19.35 4.74 -0.37
CA SER B 29 -19.00 6.16 -0.42
C SER B 29 -20.20 7.08 -0.47
N ALA B 30 -21.38 6.55 -0.81
CA ALA B 30 -22.60 7.32 -1.07
C ALA B 30 -22.85 8.44 -0.05
N ASN B 31 -22.61 8.17 1.23
CA ASN B 31 -22.69 9.22 2.24
C ASN B 31 -21.59 8.96 3.28
N ALA B 32 -21.66 9.71 4.39
CA ALA B 32 -20.60 9.67 5.39
C ALA B 32 -20.63 8.39 6.20
N THR B 33 -21.81 7.78 6.39
CA THR B 33 -21.94 6.54 7.13
C THR B 33 -22.40 5.37 6.27
N ALA B 34 -22.36 5.50 4.93
CA ALA B 34 -22.75 4.39 4.07
C ALA B 34 -21.98 3.14 4.40
N ALA B 35 -20.70 3.29 4.76
CA ALA B 35 -19.88 2.16 5.16
C ALA B 35 -20.43 1.50 6.42
N THR B 36 -20.64 2.28 7.47
CA THR B 36 -21.11 1.69 8.72
C THR B 36 -22.53 1.12 8.55
N THR B 37 -23.35 1.76 7.72
CA THR B 37 -24.67 1.22 7.40
C THR B 37 -24.58 -0.17 6.78
N VAL B 38 -23.92 -0.32 5.64
CA VAL B 38 -23.96 -1.59 4.91
C VAL B 38 -23.36 -2.71 5.76
N LEU B 39 -22.31 -2.40 6.53
CA LEU B 39 -21.74 -3.39 7.44
C LEU B 39 -22.69 -3.77 8.57
N ARG B 40 -23.52 -2.82 9.05
CA ARG B 40 -24.50 -3.18 10.07
C ARG B 40 -25.71 -3.92 9.48
N GLN B 41 -25.94 -3.85 8.17
CA GLN B 41 -27.06 -4.58 7.59
C GLN B 41 -26.74 -6.05 7.44
N LEU B 42 -25.48 -6.36 7.22
CA LEU B 42 -25.08 -7.75 7.13
C LEU B 42 -24.99 -8.40 8.52
N ASP B 43 -24.60 -7.62 9.54
CA ASP B 43 -24.61 -8.14 10.89
C ASP B 43 -26.00 -8.61 11.29
N MET B 44 -27.03 -7.86 10.88
CA MET B 44 -28.41 -8.23 11.16
C MET B 44 -28.91 -9.29 10.19
N GLU B 45 -28.52 -9.22 8.93
CA GLU B 45 -28.82 -10.33 8.02
C GLU B 45 -28.17 -11.62 8.49
N LEU B 46 -27.13 -11.51 9.30
CA LEU B 46 -26.45 -12.74 9.67
C LEU B 46 -27.03 -13.30 10.95
N VAL B 47 -27.31 -12.43 11.93
CA VAL B 47 -28.08 -12.86 13.10
C VAL B 47 -29.44 -13.39 12.68
N SER B 48 -30.04 -12.80 11.65
CA SER B 48 -31.29 -13.32 11.11
C SER B 48 -31.16 -14.80 10.75
N VAL B 49 -30.17 -15.14 9.91
CA VAL B 49 -29.94 -16.54 9.55
C VAL B 49 -29.54 -17.38 10.76
N LYS B 50 -28.62 -16.86 11.60
CA LYS B 50 -28.09 -17.68 12.69
C LYS B 50 -29.21 -18.31 13.51
N ARG B 51 -30.24 -17.54 13.85
CA ARG B 51 -31.30 -18.06 14.70
C ARG B 51 -32.38 -18.75 13.90
N GLN B 52 -32.45 -18.50 12.60
CA GLN B 52 -33.31 -19.30 11.75
C GLN B 52 -32.68 -20.65 11.43
N ILE B 53 -31.34 -20.73 11.35
CA ILE B 53 -30.70 -22.04 11.43
C ILE B 53 -31.10 -22.75 12.72
N GLN B 54 -30.97 -22.09 13.86
CA GLN B 54 -31.12 -22.90 15.05
C GLN B 54 -32.58 -23.24 15.31
N ASN B 55 -33.50 -22.52 14.68
CA ASN B 55 -34.92 -22.84 14.72
C ASN B 55 -35.19 -24.20 14.09
N ILE B 56 -34.86 -24.34 12.80
CA ILE B 56 -35.06 -25.60 12.11
C ILE B 56 -34.12 -26.67 12.64
N LYS B 57 -33.06 -26.27 13.33
CA LYS B 57 -32.20 -27.31 13.93
C LYS B 57 -33.02 -27.96 15.03
N GLN B 58 -33.94 -27.20 15.62
CA GLN B 58 -34.80 -27.70 16.72
C GLN B 58 -35.93 -28.51 16.10
N THR B 59 -36.64 -27.91 15.15
CA THR B 59 -37.75 -28.58 14.45
C THR B 59 -37.28 -29.92 13.93
N ASN B 60 -36.15 -29.95 13.23
CA ASN B 60 -35.63 -31.24 12.73
C ASN B 60 -35.29 -32.17 13.90
N SER B 61 -34.79 -31.66 15.02
CA SER B 61 -34.50 -32.58 16.15
C SER B 61 -35.80 -33.25 16.57
N ALA B 62 -36.87 -32.46 16.71
CA ALA B 62 -38.19 -33.01 17.07
C ALA B 62 -38.57 -34.09 16.05
N LEU B 63 -38.76 -33.70 14.78
CA LEU B 63 -39.08 -34.69 13.74
C LEU B 63 -38.14 -35.89 13.81
N LYS B 64 -36.87 -35.65 14.12
CA LYS B 64 -35.90 -36.73 14.22
C LYS B 64 -36.29 -37.71 15.33
N GLU B 65 -36.91 -37.22 16.39
CA GLU B 65 -37.21 -38.09 17.51
C GLU B 65 -38.42 -38.98 17.24
N LYS B 66 -39.45 -38.44 16.59
CA LYS B 66 -40.61 -39.24 16.21
C LYS B 66 -40.25 -40.47 15.39
N LEU B 67 -39.10 -40.50 14.73
CA LEU B 67 -38.74 -41.71 14.01
C LEU B 67 -37.86 -42.64 14.84
N ASP B 68 -37.85 -42.48 16.16
CA ASP B 68 -37.04 -43.36 17.00
C ASP B 68 -37.45 -44.81 16.80
N GLY B 69 -36.46 -45.67 16.61
CA GLY B 69 -36.69 -47.07 16.32
C GLY B 69 -36.78 -47.40 14.85
N GLY B 70 -36.78 -46.40 13.98
CA GLY B 70 -36.93 -46.66 12.56
C GLY B 70 -38.21 -47.42 12.29
N ILE B 71 -38.13 -48.36 11.36
CA ILE B 71 -39.28 -49.19 11.03
C ILE B 71 -38.95 -50.65 11.27
N GLU B 72 -38.15 -50.95 12.29
CA GLU B 72 -37.72 -52.33 12.42
C GLU B 72 -38.81 -53.27 12.92
N PRO B 73 -39.65 -52.87 13.89
CA PRO B 73 -40.79 -53.71 14.25
C PRO B 73 -41.72 -54.01 13.09
N TYR B 74 -41.70 -53.20 12.05
CA TYR B 74 -42.74 -53.18 11.03
C TYR B 74 -42.32 -53.93 9.78
N ARG B 75 -41.19 -54.63 9.80
CA ARG B 75 -40.75 -55.37 8.64
C ARG B 75 -41.17 -56.83 8.67
N LEU B 76 -41.20 -57.42 7.49
CA LEU B 76 -41.55 -58.80 7.26
C LEU B 76 -40.37 -59.50 6.59
N PRO B 77 -40.14 -60.74 6.92
CA PRO B 77 -39.09 -61.49 6.23
C PRO B 77 -39.35 -61.65 4.73
N GLU B 78 -38.38 -62.23 4.03
CA GLU B 78 -38.37 -62.34 2.58
C GLU B 78 -38.95 -63.66 2.11
N VAL B 79 -39.86 -63.60 1.14
CA VAL B 79 -40.37 -64.79 0.47
C VAL B 79 -39.38 -65.22 -0.62
N ILE B 80 -38.44 -66.09 -0.27
CA ILE B 80 -37.50 -66.63 -1.25
C ILE B 80 -38.20 -67.78 -1.96
N GLN B 81 -38.80 -67.50 -3.12
CA GLN B 81 -39.69 -68.49 -3.71
C GLN B 81 -39.27 -68.72 -5.15
N LYS B 82 -38.89 -69.96 -5.46
CA LYS B 82 -38.47 -70.29 -6.82
C LYS B 82 -39.63 -70.06 -7.78
N CYS B 83 -39.37 -69.27 -8.83
CA CYS B 83 -40.41 -68.94 -9.81
C CYS B 83 -40.85 -70.17 -10.58
N ASN B 84 -42.14 -70.23 -10.95
CA ASN B 84 -42.75 -71.37 -11.62
C ASN B 84 -43.44 -70.91 -12.92
N ALA B 85 -43.89 -71.90 -13.69
CA ALA B 85 -44.37 -71.66 -15.04
C ALA B 85 -45.87 -71.78 -15.20
N ARG B 86 -46.47 -72.82 -14.63
CA ARG B 86 -47.89 -73.14 -14.69
C ARG B 86 -48.68 -72.23 -13.74
N TRP B 87 -49.88 -71.94 -14.23
CA TRP B 87 -50.82 -71.02 -13.56
C TRP B 87 -51.87 -71.85 -12.87
N THR B 88 -51.77 -72.01 -11.56
CA THR B 88 -52.86 -72.71 -10.87
C THR B 88 -54.03 -71.75 -10.81
N THR B 89 -55.23 -72.28 -10.60
CA THR B 89 -56.44 -71.43 -10.52
C THR B 89 -56.29 -70.43 -9.39
N GLU B 90 -55.71 -70.81 -8.26
CA GLU B 90 -55.48 -69.82 -7.20
C GLU B 90 -54.59 -68.73 -7.76
N GLU B 91 -53.50 -69.06 -8.45
CA GLU B 91 -52.64 -67.97 -8.96
C GLU B 91 -53.40 -67.15 -9.99
N GLN B 92 -54.18 -67.80 -10.83
CA GLN B 92 -54.92 -67.00 -11.82
C GLN B 92 -55.87 -66.07 -11.10
N LEU B 93 -56.56 -66.56 -10.09
CA LEU B 93 -57.55 -65.73 -9.36
C LEU B 93 -56.86 -64.59 -8.65
N LEU B 94 -55.68 -64.83 -8.11
CA LEU B 94 -54.97 -63.72 -7.45
C LEU B 94 -54.68 -62.66 -8.50
N ALA B 95 -54.21 -63.07 -9.67
CA ALA B 95 -53.87 -62.14 -10.77
C ALA B 95 -55.01 -61.19 -11.05
N VAL B 96 -56.15 -61.72 -11.49
CA VAL B 96 -57.32 -60.88 -11.78
C VAL B 96 -57.53 -59.82 -10.70
N GLN B 97 -57.43 -60.22 -9.43
CA GLN B 97 -57.68 -59.27 -8.36
C GLN B 97 -56.59 -58.22 -8.26
N ALA B 98 -55.34 -58.64 -8.52
CA ALA B 98 -54.22 -57.70 -8.55
C ALA B 98 -54.40 -56.69 -9.67
N ILE B 99 -54.78 -57.18 -10.85
CA ILE B 99 -55.10 -56.30 -11.97
C ILE B 99 -56.17 -55.30 -11.57
N ARG B 100 -57.18 -55.73 -10.82
CA ARG B 100 -58.24 -54.82 -10.39
C ARG B 100 -57.74 -53.80 -9.38
N LYS B 101 -56.59 -54.04 -8.78
CA LYS B 101 -56.10 -53.13 -7.77
C LYS B 101 -54.75 -52.55 -8.11
N TYR B 102 -54.18 -52.90 -9.26
CA TYR B 102 -52.89 -52.36 -9.64
C TYR B 102 -52.80 -51.92 -11.08
N GLY B 103 -53.89 -52.01 -11.84
CA GLY B 103 -53.87 -51.60 -13.24
C GLY B 103 -52.82 -52.37 -14.03
N ARG B 104 -51.81 -51.66 -14.52
CA ARG B 104 -50.82 -52.22 -15.44
C ARG B 104 -49.44 -52.31 -14.81
N ASP B 105 -49.37 -51.99 -13.53
CA ASP B 105 -48.10 -52.02 -12.79
C ASP B 105 -47.71 -53.47 -12.62
N PHE B 106 -47.25 -54.10 -13.69
CA PHE B 106 -46.89 -55.54 -13.66
C PHE B 106 -45.94 -55.90 -12.53
N GLN B 107 -44.98 -55.07 -12.20
CA GLN B 107 -44.05 -55.38 -11.09
C GLN B 107 -44.87 -55.75 -9.85
N ALA B 108 -45.79 -54.87 -9.46
CA ALA B 108 -46.63 -55.07 -8.27
C ALA B 108 -47.27 -56.45 -8.33
N ILE B 109 -47.93 -56.74 -9.44
CA ILE B 109 -48.62 -58.05 -9.62
C ILE B 109 -47.63 -59.18 -9.36
N SER B 110 -46.47 -59.12 -9.99
CA SER B 110 -45.47 -60.18 -9.78
C SER B 110 -45.15 -60.33 -8.30
N ASP B 111 -45.14 -59.25 -7.52
CA ASP B 111 -44.87 -59.45 -6.10
C ASP B 111 -46.06 -60.07 -5.39
N VAL B 112 -47.28 -59.70 -5.80
CA VAL B 112 -48.48 -60.30 -5.22
C VAL B 112 -48.52 -61.80 -5.50
N ILE B 113 -48.41 -62.19 -6.76
CA ILE B 113 -48.54 -63.61 -7.08
C ILE B 113 -47.31 -64.39 -6.63
N GLY B 114 -46.14 -63.76 -6.59
CA GLY B 114 -44.98 -64.29 -5.90
C GLY B 114 -44.08 -65.26 -6.62
N ASN B 115 -44.67 -66.24 -7.31
CA ASN B 115 -43.91 -67.22 -8.07
C ASN B 115 -44.17 -67.05 -9.57
N LYS B 116 -44.38 -65.81 -10.00
CA LYS B 116 -44.45 -65.50 -11.41
C LYS B 116 -43.68 -64.20 -11.66
N SER B 117 -42.83 -64.25 -12.68
CA SER B 117 -42.02 -63.07 -13.08
C SER B 117 -42.88 -62.15 -13.93
N VAL B 118 -42.37 -60.94 -14.18
CA VAL B 118 -43.16 -59.93 -14.92
C VAL B 118 -43.44 -60.35 -16.34
N VAL B 119 -42.56 -61.10 -16.97
CA VAL B 119 -42.85 -61.42 -18.39
C VAL B 119 -44.13 -62.25 -18.46
N GLN B 120 -44.30 -63.24 -17.60
CA GLN B 120 -45.56 -64.01 -17.71
C GLN B 120 -46.68 -63.15 -17.13
N VAL B 121 -46.37 -62.32 -16.13
CA VAL B 121 -47.41 -61.41 -15.60
C VAL B 121 -47.87 -60.54 -16.76
N LYS B 122 -46.91 -59.97 -17.51
CA LYS B 122 -47.20 -59.14 -18.71
C LYS B 122 -47.66 -60.04 -19.85
N ASN B 123 -47.38 -61.34 -19.79
CA ASN B 123 -47.96 -62.32 -20.73
C ASN B 123 -49.41 -62.45 -20.31
N PHE B 124 -49.82 -63.53 -19.57
CA PHE B 124 -51.16 -63.76 -19.04
C PHE B 124 -52.17 -62.74 -19.54
N PHE B 125 -51.77 -61.49 -19.47
CA PHE B 125 -52.65 -60.37 -19.84
C PHE B 125 -53.26 -60.59 -21.21
N VAL B 126 -52.51 -61.22 -22.10
CA VAL B 126 -53.10 -61.38 -23.46
C VAL B 126 -53.61 -62.79 -23.62
N ASN B 127 -53.05 -63.73 -22.90
CA ASN B 127 -53.52 -65.12 -23.09
C ASN B 127 -54.96 -65.25 -22.57
N TYR B 128 -55.25 -64.69 -21.41
CA TYR B 128 -56.62 -64.88 -20.87
C TYR B 128 -57.38 -63.58 -20.98
N ARG B 129 -57.00 -62.73 -21.93
CA ARG B 129 -57.64 -61.41 -21.99
C ARG B 129 -59.15 -61.54 -22.19
N ARG B 130 -59.60 -62.33 -23.14
CA ARG B 130 -61.07 -62.42 -23.30
C ARG B 130 -61.70 -63.21 -22.16
N ARG B 131 -61.04 -64.28 -21.77
CA ARG B 131 -61.58 -65.22 -20.75
C ARG B 131 -61.78 -64.55 -19.41
N PHE B 132 -60.83 -63.72 -19.00
CA PHE B 132 -60.97 -63.10 -17.67
C PHE B 132 -61.58 -61.72 -17.79
N ASN B 133 -62.01 -61.33 -18.98
CA ASN B 133 -62.65 -60.01 -19.20
C ASN B 133 -61.73 -58.92 -18.69
N ILE B 134 -60.45 -58.97 -19.05
CA ILE B 134 -59.43 -58.00 -18.55
C ILE B 134 -59.78 -56.58 -18.96
N ASP B 135 -60.37 -56.40 -20.14
CA ASP B 135 -60.76 -55.03 -20.56
C ASP B 135 -61.72 -54.48 -19.50
N GLU B 136 -62.70 -55.27 -19.07
CA GLU B 136 -63.59 -54.77 -18.01
C GLU B 136 -62.73 -54.47 -16.79
N VAL B 137 -61.93 -55.43 -16.33
CA VAL B 137 -61.16 -55.25 -15.11
C VAL B 137 -60.34 -53.98 -15.19
N LEU B 138 -59.61 -53.81 -16.29
CA LEU B 138 -58.74 -52.60 -16.32
C LEU B 138 -59.62 -51.38 -16.44
N GLN B 139 -60.72 -51.52 -17.16
CA GLN B 139 -61.67 -50.41 -17.34
C GLN B 139 -62.13 -49.93 -15.97
N GLU B 140 -62.53 -50.85 -15.11
CA GLU B 140 -63.04 -50.49 -13.75
C GLU B 140 -61.90 -50.04 -12.83
N TRP B 141 -60.65 -50.39 -13.14
CA TRP B 141 -59.52 -49.95 -12.28
C TRP B 141 -59.09 -48.54 -12.69
N GLU B 142 -59.54 -48.11 -13.87
CA GLU B 142 -59.25 -46.75 -14.39
C GLU B 142 -60.16 -45.75 -13.69
N ALA B 143 -61.27 -46.19 -13.10
CA ALA B 143 -62.16 -45.23 -12.42
C ALA B 143 -61.76 -45.05 -10.95
N GLU B 144 -60.52 -44.63 -10.69
CA GLU B 144 -60.01 -44.40 -9.32
C GLU B 144 -58.65 -43.71 -9.45
#